data_1D6G
# 
_entry.id   1D6G 
# 
_audit_conform.dict_name       mmcif_pdbx.dic 
_audit_conform.dict_version    5.397 
_audit_conform.dict_location   http://mmcif.pdb.org/dictionaries/ascii/mmcif_pdbx.dic 
# 
loop_
_database_2.database_id 
_database_2.database_code 
_database_2.pdbx_database_accession 
_database_2.pdbx_DOI 
PDB   1D6G         pdb_00001d6g 10.2210/pdb1d6g/pdb 
RCSB  RCSB009832   ?            ?                   
WWPDB D_1000009832 ?            ?                   
# 
loop_
_pdbx_audit_revision_history.ordinal 
_pdbx_audit_revision_history.data_content_type 
_pdbx_audit_revision_history.major_revision 
_pdbx_audit_revision_history.minor_revision 
_pdbx_audit_revision_history.revision_date 
1 'Structure model' 1 0 1999-11-17 
2 'Structure model' 1 1 2008-04-27 
3 'Structure model' 1 2 2011-07-13 
4 'Structure model' 1 3 2021-07-07 
5 'Structure model' 1 4 2024-10-16 
# 
_pdbx_audit_revision_details.ordinal             1 
_pdbx_audit_revision_details.revision_ordinal    1 
_pdbx_audit_revision_details.data_content_type   'Structure model' 
_pdbx_audit_revision_details.provider            repository 
_pdbx_audit_revision_details.type                'Initial release' 
_pdbx_audit_revision_details.description         ? 
_pdbx_audit_revision_details.details             ? 
# 
loop_
_pdbx_audit_revision_group.ordinal 
_pdbx_audit_revision_group.revision_ordinal 
_pdbx_audit_revision_group.data_content_type 
_pdbx_audit_revision_group.group 
1  2 'Structure model' 'Version format compliance' 
2  3 'Structure model' 'Version format compliance' 
3  4 'Structure model' 'Data collection'           
4  4 'Structure model' 'Database references'       
5  4 'Structure model' 'Derived calculations'      
6  4 'Structure model' 'Experimental preparation'  
7  4 'Structure model' 'Source and taxonomy'       
8  5 'Structure model' 'Data collection'           
9  5 'Structure model' 'Database references'       
10 5 'Structure model' 'Structure summary'         
# 
loop_
_pdbx_audit_revision_category.ordinal 
_pdbx_audit_revision_category.revision_ordinal 
_pdbx_audit_revision_category.data_content_type 
_pdbx_audit_revision_category.category 
1  4 'Structure model' diffrn                           
2  4 'Structure model' diffrn_radiation                 
3  4 'Structure model' diffrn_radiation_wavelength      
4  4 'Structure model' pdbx_entity_src_syn              
5  4 'Structure model' pdbx_nmr_ensemble                
6  4 'Structure model' pdbx_nmr_exptl                   
7  4 'Structure model' pdbx_nmr_exptl_sample_conditions 
8  4 'Structure model' pdbx_nmr_sample_details          
9  4 'Structure model' pdbx_nmr_spectrometer            
10 4 'Structure model' pdbx_struct_assembly             
11 4 'Structure model' pdbx_struct_assembly_prop        
12 4 'Structure model' pdbx_struct_oper_list            
13 4 'Structure model' struct_conn                      
14 4 'Structure model' struct_ref_seq_dif               
15 4 'Structure model' struct_site                      
16 5 'Structure model' chem_comp_atom                   
17 5 'Structure model' chem_comp_bond                   
18 5 'Structure model' database_2                       
19 5 'Structure model' pdbx_entry_details               
20 5 'Structure model' pdbx_modification_feature        
# 
loop_
_pdbx_audit_revision_item.ordinal 
_pdbx_audit_revision_item.revision_ordinal 
_pdbx_audit_revision_item.data_content_type 
_pdbx_audit_revision_item.item 
1  4 'Structure model' '_pdbx_entity_src_syn.details'                          
2  4 'Structure model' '_pdbx_entity_src_syn.ncbi_taxonomy_id'                 
3  4 'Structure model' '_pdbx_entity_src_syn.organism_common_name'             
4  4 'Structure model' '_pdbx_entity_src_syn.organism_scientific'              
5  4 'Structure model' '_pdbx_nmr_ensemble.conformers_calculated_total_number' 
6  4 'Structure model' '_pdbx_nmr_exptl.conditions_id'                         
7  4 'Structure model' '_pdbx_nmr_sample_details.contents'                     
8  4 'Structure model' '_pdbx_nmr_sample_details.label'                        
9  4 'Structure model' '_pdbx_nmr_sample_details.type'                         
10 4 'Structure model' '_pdbx_nmr_spectrometer.manufacturer'                   
11 4 'Structure model' '_pdbx_nmr_spectrometer.model'                          
12 4 'Structure model' '_struct_conn.pdbx_leaving_atom_flag'                   
13 4 'Structure model' '_struct_ref_seq_dif.details'                           
14 4 'Structure model' '_struct_site.pdbx_auth_asym_id'                        
15 4 'Structure model' '_struct_site.pdbx_auth_comp_id'                        
16 4 'Structure model' '_struct_site.pdbx_auth_seq_id'                         
17 5 'Structure model' '_database_2.pdbx_DOI'                                  
18 5 'Structure model' '_database_2.pdbx_database_accession'                   
# 
_pdbx_database_status.status_code                     REL 
_pdbx_database_status.entry_id                        1D6G 
_pdbx_database_status.recvd_initial_deposition_date   1999-10-13 
_pdbx_database_status.deposit_site                    RCSB 
_pdbx_database_status.process_site                    RCSB 
_pdbx_database_status.SG_entry                        . 
_pdbx_database_status.pdb_format_compatible           Y 
_pdbx_database_status.status_code_mr                  ? 
_pdbx_database_status.status_code_sf                  ? 
_pdbx_database_status.status_code_cs                  ? 
_pdbx_database_status.status_code_nmr_data            ? 
_pdbx_database_status.methods_development_category    ? 
# 
loop_
_audit_author.name 
_audit_author.pdbx_ordinal 
'Pellegrini, M.' 1 
'Mierke, D.F.'   2 
# 
_citation.id                        primary 
_citation.title                     
'Molecular complex of cholecystokinin-8 and N-terminus of the cholecystokinin A receptor by NMR spectroscopy.' 
_citation.journal_abbrev            Biochemistry 
_citation.journal_volume            38 
_citation.page_first                14775 
_citation.page_last                 14783 
_citation.year                      1999 
_citation.journal_id_ASTM           BICHAW 
_citation.country                   US 
_citation.journal_id_ISSN           0006-2960 
_citation.journal_id_CSD            0033 
_citation.book_publisher            ? 
_citation.pdbx_database_id_PubMed   10555959 
_citation.pdbx_database_id_DOI      10.1021/bi991272l 
# 
loop_
_citation_author.citation_id 
_citation_author.name 
_citation_author.ordinal 
_citation_author.identifier_ORCID 
primary 'Pellegrini, M.' 1 ? 
primary 'Mierke, D.F.'   2 ? 
# 
loop_
_entity.id 
_entity.type 
_entity.src_method 
_entity.pdbx_description 
_entity.formula_weight 
_entity.pdbx_number_of_molecules 
_entity.pdbx_ec 
_entity.pdbx_mutation 
_entity.pdbx_fragment 
_entity.details 
1 polymer syn 'cholecystokinin type a receptor' 5225.963 1 ? ? 'N-TERMINAL DOMAIN (1-47)' ? 
2 polymer syn cholecystokinin-8                 1062.199 1 ? ? 'C-TERMINAL FRAGMENT'      ? 
# 
loop_
_entity_name_com.entity_id 
_entity_name_com.name 
1 CCK-A-RECEPTOR 
2 CCK-8          
# 
loop_
_entity_poly.entity_id 
_entity_poly.type 
_entity_poly.nstd_linkage 
_entity_poly.nstd_monomer 
_entity_poly.pdbx_seq_one_letter_code 
_entity_poly.pdbx_seq_one_letter_code_can 
_entity_poly.pdbx_strand_id 
_entity_poly.pdbx_target_identifier 
1 'polypeptide(L)' no no  MDVVDSLLVNGSNITPPCELGLENETLFCLDQPRPSKEWQPAQVILL MDVVDSLLVNGSNITPPCELGLENETLFCLDQPRPSKEWQPAQVILL A ? 
2 'polypeptide(L)' no yes 'DYMGWMDF(NH2)'                                 DYMGWMDFX                                       B ? 
# 
loop_
_entity_poly_seq.entity_id 
_entity_poly_seq.num 
_entity_poly_seq.mon_id 
_entity_poly_seq.hetero 
1 1  MET n 
1 2  ASP n 
1 3  VAL n 
1 4  VAL n 
1 5  ASP n 
1 6  SER n 
1 7  LEU n 
1 8  LEU n 
1 9  VAL n 
1 10 ASN n 
1 11 GLY n 
1 12 SER n 
1 13 ASN n 
1 14 ILE n 
1 15 THR n 
1 16 PRO n 
1 17 PRO n 
1 18 CYS n 
1 19 GLU n 
1 20 LEU n 
1 21 GLY n 
1 22 LEU n 
1 23 GLU n 
1 24 ASN n 
1 25 GLU n 
1 26 THR n 
1 27 LEU n 
1 28 PHE n 
1 29 CYS n 
1 30 LEU n 
1 31 ASP n 
1 32 GLN n 
1 33 PRO n 
1 34 ARG n 
1 35 PRO n 
1 36 SER n 
1 37 LYS n 
1 38 GLU n 
1 39 TRP n 
1 40 GLN n 
1 41 PRO n 
1 42 ALA n 
1 43 GLN n 
1 44 VAL n 
1 45 ILE n 
1 46 LEU n 
1 47 LEU n 
2 1  ASP n 
2 2  TYR n 
2 3  MET n 
2 4  GLY n 
2 5  TRP n 
2 6  MET n 
2 7  ASP n 
2 8  PHE n 
2 9  NH2 n 
# 
loop_
_pdbx_entity_src_syn.entity_id 
_pdbx_entity_src_syn.pdbx_src_id 
_pdbx_entity_src_syn.pdbx_alt_source_flag 
_pdbx_entity_src_syn.pdbx_beg_seq_num 
_pdbx_entity_src_syn.pdbx_end_seq_num 
_pdbx_entity_src_syn.organism_scientific 
_pdbx_entity_src_syn.organism_common_name 
_pdbx_entity_src_syn.ncbi_taxonomy_id 
_pdbx_entity_src_syn.details 
1 1 sample ? ? 'Homo sapiens' Human 9606 ? 
2 1 sample ? ? 'Homo sapiens' Human 9606 ? 
# 
loop_
_chem_comp.id 
_chem_comp.type 
_chem_comp.mon_nstd_flag 
_chem_comp.name 
_chem_comp.pdbx_synonyms 
_chem_comp.formula 
_chem_comp.formula_weight 
ALA 'L-peptide linking' y ALANINE         ? 'C3 H7 N O2'     89.093  
ARG 'L-peptide linking' y ARGININE        ? 'C6 H15 N4 O2 1' 175.209 
ASN 'L-peptide linking' y ASPARAGINE      ? 'C4 H8 N2 O3'    132.118 
ASP 'L-peptide linking' y 'ASPARTIC ACID' ? 'C4 H7 N O4'     133.103 
CYS 'L-peptide linking' y CYSTEINE        ? 'C3 H7 N O2 S'   121.158 
GLN 'L-peptide linking' y GLUTAMINE       ? 'C5 H10 N2 O3'   146.144 
GLU 'L-peptide linking' y 'GLUTAMIC ACID' ? 'C5 H9 N O4'     147.129 
GLY 'peptide linking'   y GLYCINE         ? 'C2 H5 N O2'     75.067  
ILE 'L-peptide linking' y ISOLEUCINE      ? 'C6 H13 N O2'    131.173 
LEU 'L-peptide linking' y LEUCINE         ? 'C6 H13 N O2'    131.173 
LYS 'L-peptide linking' y LYSINE          ? 'C6 H15 N2 O2 1' 147.195 
MET 'L-peptide linking' y METHIONINE      ? 'C5 H11 N O2 S'  149.211 
NH2 non-polymer         . 'AMINO GROUP'   ? 'H2 N'           16.023  
PHE 'L-peptide linking' y PHENYLALANINE   ? 'C9 H11 N O2'    165.189 
PRO 'L-peptide linking' y PROLINE         ? 'C5 H9 N O2'     115.130 
SER 'L-peptide linking' y SERINE          ? 'C3 H7 N O3'     105.093 
THR 'L-peptide linking' y THREONINE       ? 'C4 H9 N O3'     119.119 
TRP 'L-peptide linking' y TRYPTOPHAN      ? 'C11 H12 N2 O2'  204.225 
TYR 'L-peptide linking' y TYROSINE        ? 'C9 H11 N O3'    181.189 
VAL 'L-peptide linking' y VALINE          ? 'C5 H11 N O2'    117.146 
# 
loop_
_pdbx_poly_seq_scheme.asym_id 
_pdbx_poly_seq_scheme.entity_id 
_pdbx_poly_seq_scheme.seq_id 
_pdbx_poly_seq_scheme.mon_id 
_pdbx_poly_seq_scheme.ndb_seq_num 
_pdbx_poly_seq_scheme.pdb_seq_num 
_pdbx_poly_seq_scheme.auth_seq_num 
_pdbx_poly_seq_scheme.pdb_mon_id 
_pdbx_poly_seq_scheme.auth_mon_id 
_pdbx_poly_seq_scheme.pdb_strand_id 
_pdbx_poly_seq_scheme.pdb_ins_code 
_pdbx_poly_seq_scheme.hetero 
A 1 1  MET 1  1  1  MET MET A . n 
A 1 2  ASP 2  2  2  ASP ASP A . n 
A 1 3  VAL 3  3  3  VAL VAL A . n 
A 1 4  VAL 4  4  4  VAL VAL A . n 
A 1 5  ASP 5  5  5  ASP ASP A . n 
A 1 6  SER 6  6  6  SER SER A . n 
A 1 7  LEU 7  7  7  LEU LEU A . n 
A 1 8  LEU 8  8  8  LEU LEU A . n 
A 1 9  VAL 9  9  9  VAL VAL A . n 
A 1 10 ASN 10 10 10 ASN ASN A . n 
A 1 11 GLY 11 11 11 GLY GLY A . n 
A 1 12 SER 12 12 12 SER SER A . n 
A 1 13 ASN 13 13 13 ASN ASN A . n 
A 1 14 ILE 14 14 14 ILE ILE A . n 
A 1 15 THR 15 15 15 THR THR A . n 
A 1 16 PRO 16 16 16 PRO PRO A . n 
A 1 17 PRO 17 17 17 PRO PRO A . n 
A 1 18 CYS 18 18 18 CYS CYS A . n 
A 1 19 GLU 19 19 19 GLU GLU A . n 
A 1 20 LEU 20 20 20 LEU LEU A . n 
A 1 21 GLY 21 21 21 GLY GLY A . n 
A 1 22 LEU 22 22 22 LEU LEU A . n 
A 1 23 GLU 23 23 23 GLU GLU A . n 
A 1 24 ASN 24 24 24 ASN ASN A . n 
A 1 25 GLU 25 25 25 GLU GLU A . n 
A 1 26 THR 26 26 26 THR THR A . n 
A 1 27 LEU 27 27 27 LEU LEU A . n 
A 1 28 PHE 28 28 28 PHE PHE A . n 
A 1 29 CYS 29 29 29 CYS CYS A . n 
A 1 30 LEU 30 30 30 LEU LEU A . n 
A 1 31 ASP 31 31 31 ASP ASP A . n 
A 1 32 GLN 32 32 32 GLN GLN A . n 
A 1 33 PRO 33 33 33 PRO PRO A . n 
A 1 34 ARG 34 34 34 ARG ARG A . n 
A 1 35 PRO 35 35 35 PRO PRO A . n 
A 1 36 SER 36 36 36 SER SER A . n 
A 1 37 LYS 37 37 37 LYS LYS A . n 
A 1 38 GLU 38 38 38 GLU GLU A . n 
A 1 39 TRP 39 39 39 TRP TRP A . n 
A 1 40 GLN 40 40 40 GLN GLN A . n 
A 1 41 PRO 41 41 41 PRO PRO A . n 
A 1 42 ALA 42 42 42 ALA ALA A . n 
A 1 43 GLN 43 43 43 GLN GLN A . n 
A 1 44 VAL 44 44 44 VAL VAL A . n 
A 1 45 ILE 45 45 45 ILE ILE A . n 
A 1 46 LEU 46 46 46 LEU LEU A . n 
A 1 47 LEU 47 47 47 LEU LEU A . n 
B 2 1  ASP 1  1  1  ASP ASP B . n 
B 2 2  TYR 2  2  2  TYR TYR B . n 
B 2 3  MET 3  3  3  MET MET B . n 
B 2 4  GLY 4  4  4  GLY GLY B . n 
B 2 5  TRP 5  5  5  TRP TRP B . n 
B 2 6  MET 6  6  6  MET MET B . n 
B 2 7  ASP 7  7  7  ASP ASP B . n 
B 2 8  PHE 8  8  8  PHE PHE B . n 
B 2 9  NH2 9  9  8  NH2 PHE B . n 
# 
_cell.entry_id           1D6G 
_cell.length_a           1.000 
_cell.length_b           1.000 
_cell.length_c           1.000 
_cell.angle_alpha        90.00 
_cell.angle_beta         90.00 
_cell.angle_gamma        90.00 
_cell.Z_PDB              1 
_cell.pdbx_unique_axis   ? 
# 
_symmetry.entry_id                         1D6G 
_symmetry.space_group_name_H-M             'P 1' 
_symmetry.pdbx_full_space_group_name_H-M   ? 
_symmetry.cell_setting                     ? 
_symmetry.Int_Tables_number                1 
# 
_exptl.entry_id          1D6G 
_exptl.method            'SOLUTION NMR' 
_exptl.crystals_number   ? 
# 
_struct.entry_id                  1D6G 
_struct.title                     
'MOLECULAR COMPLEX OF CHOLECYSTOKININ-8 AND N-TERMINUS OF THE CHOLECYSTOKININ A RECEPTOR BY NMR SPECTROSCOPY' 
_struct.pdbx_model_details        ? 
_struct.pdbx_CASP_flag            ? 
_struct.pdbx_model_type_details   ? 
# 
_struct_keywords.entry_id        1D6G 
_struct_keywords.pdbx_keywords   'HORMONE/GROWTH FACTOR' 
_struct_keywords.text            'alpha-helix, beta-sheet, complex GPCR-ligand, HORMONE-GROWTH FACTOR COMPLEX' 
# 
loop_
_struct_asym.id 
_struct_asym.pdbx_blank_PDB_chainid_flag 
_struct_asym.pdbx_modified 
_struct_asym.entity_id 
_struct_asym.details 
A N N 1 ? 
B N N 2 ? 
# 
loop_
_struct_ref.id 
_struct_ref.db_code 
_struct_ref.db_name 
_struct_ref.entity_id 
_struct_ref.pdbx_db_accession 
_struct_ref.pdbx_db_isoform 
_struct_ref.pdbx_seq_one_letter_code 
_struct_ref.pdbx_align_begin 
1 CCKAR_HUMAN UNP 1 P32238 ? ? ? 
2 1D6G        PDB 2 1D6G   ? ? ? 
# 
loop_
_struct_ref_seq.align_id 
_struct_ref_seq.ref_id 
_struct_ref_seq.pdbx_PDB_id_code 
_struct_ref_seq.pdbx_strand_id 
_struct_ref_seq.seq_align_beg 
_struct_ref_seq.pdbx_seq_align_beg_ins_code 
_struct_ref_seq.seq_align_end 
_struct_ref_seq.pdbx_seq_align_end_ins_code 
_struct_ref_seq.pdbx_db_accession 
_struct_ref_seq.db_align_beg 
_struct_ref_seq.pdbx_db_align_beg_ins_code 
_struct_ref_seq.db_align_end 
_struct_ref_seq.pdbx_db_align_end_ins_code 
_struct_ref_seq.pdbx_auth_seq_align_beg 
_struct_ref_seq.pdbx_auth_seq_align_end 
1 1 1D6G A 1 ? 47 ? P32238 1 ? 47 ? 1 47 
2 2 1D6G B 1 ? 9  ? 1D6G   1 ? 9  ? 1 9  
# 
loop_
_struct_ref_seq_dif.align_id 
_struct_ref_seq_dif.pdbx_pdb_id_code 
_struct_ref_seq_dif.mon_id 
_struct_ref_seq_dif.pdbx_pdb_strand_id 
_struct_ref_seq_dif.seq_num 
_struct_ref_seq_dif.pdbx_pdb_ins_code 
_struct_ref_seq_dif.pdbx_seq_db_name 
_struct_ref_seq_dif.pdbx_seq_db_accession_code 
_struct_ref_seq_dif.db_mon_id 
_struct_ref_seq_dif.pdbx_seq_db_seq_num 
_struct_ref_seq_dif.details 
_struct_ref_seq_dif.pdbx_auth_seq_num 
_struct_ref_seq_dif.pdbx_ordinal 
1 1D6G GLN A 43 ? UNP P32238 VAL 43 conflict 43 1 
1 1D6G VAL A 44 ? UNP P32238 GLN 44 conflict 44 2 
# 
_pdbx_struct_assembly.id                   1 
_pdbx_struct_assembly.details              author_defined_assembly 
_pdbx_struct_assembly.method_details       ? 
_pdbx_struct_assembly.oligomeric_details   dimeric 
_pdbx_struct_assembly.oligomeric_count     2 
# 
loop_
_pdbx_struct_assembly_prop.biol_id 
_pdbx_struct_assembly_prop.type 
_pdbx_struct_assembly_prop.value 
_pdbx_struct_assembly_prop.details 
1 'ABSA (A^2)' 790  ? 
1 MORE         -4   ? 
1 'SSA (A^2)'  4640 ? 
# 
_pdbx_struct_assembly_gen.assembly_id       1 
_pdbx_struct_assembly_gen.oper_expression   1 
_pdbx_struct_assembly_gen.asym_id_list      A,B 
# 
_pdbx_struct_oper_list.id                   1 
_pdbx_struct_oper_list.type                 'identity operation' 
_pdbx_struct_oper_list.name                 1_555 
_pdbx_struct_oper_list.symmetry_operation   ? 
_pdbx_struct_oper_list.matrix[1][1]         1.0000000000 
_pdbx_struct_oper_list.matrix[1][2]         0.0000000000 
_pdbx_struct_oper_list.matrix[1][3]         0.0000000000 
_pdbx_struct_oper_list.vector[1]            0.0000000000 
_pdbx_struct_oper_list.matrix[2][1]         0.0000000000 
_pdbx_struct_oper_list.matrix[2][2]         1.0000000000 
_pdbx_struct_oper_list.matrix[2][3]         0.0000000000 
_pdbx_struct_oper_list.vector[2]            0.0000000000 
_pdbx_struct_oper_list.matrix[3][1]         0.0000000000 
_pdbx_struct_oper_list.matrix[3][2]         0.0000000000 
_pdbx_struct_oper_list.matrix[3][3]         1.0000000000 
_pdbx_struct_oper_list.vector[3]            0.0000000000 
# 
_struct_conf.conf_type_id            HELX_P 
_struct_conf.id                      HELX_P1 
_struct_conf.pdbx_PDB_helix_id       1 
_struct_conf.beg_label_comp_id       GLU 
_struct_conf.beg_label_asym_id       A 
_struct_conf.beg_label_seq_id        38 
_struct_conf.pdbx_beg_PDB_ins_code   ? 
_struct_conf.end_label_comp_id       ILE 
_struct_conf.end_label_asym_id       A 
_struct_conf.end_label_seq_id        45 
_struct_conf.pdbx_end_PDB_ins_code   ? 
_struct_conf.beg_auth_comp_id        GLU 
_struct_conf.beg_auth_asym_id        A 
_struct_conf.beg_auth_seq_id         38 
_struct_conf.end_auth_comp_id        ILE 
_struct_conf.end_auth_asym_id        A 
_struct_conf.end_auth_seq_id         45 
_struct_conf.pdbx_PDB_helix_class    1 
_struct_conf.details                 ? 
_struct_conf.pdbx_PDB_helix_length   8 
# 
_struct_conf_type.id          HELX_P 
_struct_conf_type.criteria    ? 
_struct_conf_type.reference   ? 
# 
loop_
_struct_conn.id 
_struct_conn.conn_type_id 
_struct_conn.pdbx_leaving_atom_flag 
_struct_conn.pdbx_PDB_id 
_struct_conn.ptnr1_label_asym_id 
_struct_conn.ptnr1_label_comp_id 
_struct_conn.ptnr1_label_seq_id 
_struct_conn.ptnr1_label_atom_id 
_struct_conn.pdbx_ptnr1_label_alt_id 
_struct_conn.pdbx_ptnr1_PDB_ins_code 
_struct_conn.pdbx_ptnr1_standard_comp_id 
_struct_conn.ptnr1_symmetry 
_struct_conn.ptnr2_label_asym_id 
_struct_conn.ptnr2_label_comp_id 
_struct_conn.ptnr2_label_seq_id 
_struct_conn.ptnr2_label_atom_id 
_struct_conn.pdbx_ptnr2_label_alt_id 
_struct_conn.pdbx_ptnr2_PDB_ins_code 
_struct_conn.ptnr1_auth_asym_id 
_struct_conn.ptnr1_auth_comp_id 
_struct_conn.ptnr1_auth_seq_id 
_struct_conn.ptnr2_auth_asym_id 
_struct_conn.ptnr2_auth_comp_id 
_struct_conn.ptnr2_auth_seq_id 
_struct_conn.ptnr2_symmetry 
_struct_conn.pdbx_ptnr3_label_atom_id 
_struct_conn.pdbx_ptnr3_label_seq_id 
_struct_conn.pdbx_ptnr3_label_comp_id 
_struct_conn.pdbx_ptnr3_label_asym_id 
_struct_conn.pdbx_ptnr3_label_alt_id 
_struct_conn.pdbx_ptnr3_PDB_ins_code 
_struct_conn.details 
_struct_conn.pdbx_dist_value 
_struct_conn.pdbx_value_order 
_struct_conn.pdbx_role 
disulf1 disulf ?    ? A CYS 18 SG ? ? ? 1_555 A CYS 29 SG ? ? A CYS 18 A CYS 29 1_555 ? ? ? ? ? ? ? 2.004 ? ? 
covale1 covale both ? B PHE 8  C  ? ? ? 1_555 B NH2 9  N  ? ? B PHE 8  B NH2 9  1_555 ? ? ? ? ? ? ? 1.331 ? ? 
# 
loop_
_struct_conn_type.id 
_struct_conn_type.criteria 
_struct_conn_type.reference 
disulf ? ? 
covale ? ? 
# 
loop_
_pdbx_modification_feature.ordinal 
_pdbx_modification_feature.label_comp_id 
_pdbx_modification_feature.label_asym_id 
_pdbx_modification_feature.label_seq_id 
_pdbx_modification_feature.label_alt_id 
_pdbx_modification_feature.modified_residue_label_comp_id 
_pdbx_modification_feature.modified_residue_label_asym_id 
_pdbx_modification_feature.modified_residue_label_seq_id 
_pdbx_modification_feature.modified_residue_label_alt_id 
_pdbx_modification_feature.auth_comp_id 
_pdbx_modification_feature.auth_asym_id 
_pdbx_modification_feature.auth_seq_id 
_pdbx_modification_feature.PDB_ins_code 
_pdbx_modification_feature.symmetry 
_pdbx_modification_feature.modified_residue_auth_comp_id 
_pdbx_modification_feature.modified_residue_auth_asym_id 
_pdbx_modification_feature.modified_residue_auth_seq_id 
_pdbx_modification_feature.modified_residue_PDB_ins_code 
_pdbx_modification_feature.modified_residue_symmetry 
_pdbx_modification_feature.comp_id_linking_atom 
_pdbx_modification_feature.modified_residue_id_linking_atom 
_pdbx_modification_feature.modified_residue_id 
_pdbx_modification_feature.ref_pcm_id 
_pdbx_modification_feature.ref_comp_id 
_pdbx_modification_feature.type 
_pdbx_modification_feature.category 
1 NH2 B 9  ? PHE B 8  ? NH2 B 9  ? 1_555 PHE B 8  ? 1_555 .  .  PHE 15 NH2 None 'Terminal amidation' 
2 CYS A 18 ? CYS A 29 ? CYS A 18 ? 1_555 CYS A 29 ? 1_555 SG SG .   .  .   None 'Disulfide bridge'   
# 
_struct_mon_prot_cis.pdbx_id                1 
_struct_mon_prot_cis.label_comp_id          ARG 
_struct_mon_prot_cis.label_seq_id           34 
_struct_mon_prot_cis.label_asym_id          A 
_struct_mon_prot_cis.label_alt_id           . 
_struct_mon_prot_cis.pdbx_PDB_ins_code      ? 
_struct_mon_prot_cis.auth_comp_id           ARG 
_struct_mon_prot_cis.auth_seq_id            34 
_struct_mon_prot_cis.auth_asym_id           A 
_struct_mon_prot_cis.pdbx_label_comp_id_2   PRO 
_struct_mon_prot_cis.pdbx_label_seq_id_2    35 
_struct_mon_prot_cis.pdbx_label_asym_id_2   A 
_struct_mon_prot_cis.pdbx_PDB_ins_code_2    ? 
_struct_mon_prot_cis.pdbx_auth_comp_id_2    PRO 
_struct_mon_prot_cis.pdbx_auth_seq_id_2     35 
_struct_mon_prot_cis.pdbx_auth_asym_id_2    A 
_struct_mon_prot_cis.pdbx_PDB_model_num     1 
_struct_mon_prot_cis.pdbx_omega_angle       -10.90 
# 
_struct_site.id                   AC1 
_struct_site.pdbx_evidence_code   Software 
_struct_site.pdbx_auth_asym_id    B 
_struct_site.pdbx_auth_comp_id    NH2 
_struct_site.pdbx_auth_seq_id     9 
_struct_site.pdbx_auth_ins_code   ? 
_struct_site.pdbx_num_residues    1 
_struct_site.details              'BINDING SITE FOR RESIDUE NH2 B 9' 
# 
_struct_site_gen.id                   1 
_struct_site_gen.site_id              AC1 
_struct_site_gen.pdbx_num_res         1 
_struct_site_gen.label_comp_id        PHE 
_struct_site_gen.label_asym_id        B 
_struct_site_gen.label_seq_id         8 
_struct_site_gen.pdbx_auth_ins_code   ? 
_struct_site_gen.auth_comp_id         PHE 
_struct_site_gen.auth_asym_id         B 
_struct_site_gen.auth_seq_id          8 
_struct_site_gen.label_atom_id        . 
_struct_site_gen.label_alt_id         ? 
_struct_site_gen.symmetry             1_555 
_struct_site_gen.details              ? 
# 
_pdbx_entry_details.entry_id                   1D6G 
_pdbx_entry_details.compound_details           ? 
_pdbx_entry_details.source_details             ? 
_pdbx_entry_details.nonpolymer_details         ? 
_pdbx_entry_details.sequence_details           ? 
_pdbx_entry_details.has_ligand_of_interest     ? 
_pdbx_entry_details.has_protein_modification   Y 
# 
_pdbx_validate_rmsd_bond.id                        1 
_pdbx_validate_rmsd_bond.PDB_model_num             1 
_pdbx_validate_rmsd_bond.auth_atom_id_1            C 
_pdbx_validate_rmsd_bond.auth_asym_id_1            A 
_pdbx_validate_rmsd_bond.auth_comp_id_1            LEU 
_pdbx_validate_rmsd_bond.auth_seq_id_1             47 
_pdbx_validate_rmsd_bond.PDB_ins_code_1            ? 
_pdbx_validate_rmsd_bond.label_alt_id_1            ? 
_pdbx_validate_rmsd_bond.auth_atom_id_2            OXT 
_pdbx_validate_rmsd_bond.auth_asym_id_2            A 
_pdbx_validate_rmsd_bond.auth_comp_id_2            LEU 
_pdbx_validate_rmsd_bond.auth_seq_id_2             47 
_pdbx_validate_rmsd_bond.PDB_ins_code_2            ? 
_pdbx_validate_rmsd_bond.label_alt_id_2            ? 
_pdbx_validate_rmsd_bond.bond_value                1.373 
_pdbx_validate_rmsd_bond.bond_target_value         1.229 
_pdbx_validate_rmsd_bond.bond_deviation            0.144 
_pdbx_validate_rmsd_bond.bond_standard_deviation   0.019 
_pdbx_validate_rmsd_bond.linker_flag               N 
# 
_pdbx_validate_rmsd_angle.id                         1 
_pdbx_validate_rmsd_angle.PDB_model_num              1 
_pdbx_validate_rmsd_angle.auth_atom_id_1             NE 
_pdbx_validate_rmsd_angle.auth_asym_id_1             A 
_pdbx_validate_rmsd_angle.auth_comp_id_1             ARG 
_pdbx_validate_rmsd_angle.auth_seq_id_1              34 
_pdbx_validate_rmsd_angle.PDB_ins_code_1             ? 
_pdbx_validate_rmsd_angle.label_alt_id_1             ? 
_pdbx_validate_rmsd_angle.auth_atom_id_2             CZ 
_pdbx_validate_rmsd_angle.auth_asym_id_2             A 
_pdbx_validate_rmsd_angle.auth_comp_id_2             ARG 
_pdbx_validate_rmsd_angle.auth_seq_id_2              34 
_pdbx_validate_rmsd_angle.PDB_ins_code_2             ? 
_pdbx_validate_rmsd_angle.label_alt_id_2             ? 
_pdbx_validate_rmsd_angle.auth_atom_id_3             NH1 
_pdbx_validate_rmsd_angle.auth_asym_id_3             A 
_pdbx_validate_rmsd_angle.auth_comp_id_3             ARG 
_pdbx_validate_rmsd_angle.auth_seq_id_3              34 
_pdbx_validate_rmsd_angle.PDB_ins_code_3             ? 
_pdbx_validate_rmsd_angle.label_alt_id_3             ? 
_pdbx_validate_rmsd_angle.angle_value                124.20 
_pdbx_validate_rmsd_angle.angle_target_value         120.30 
_pdbx_validate_rmsd_angle.angle_deviation            3.90 
_pdbx_validate_rmsd_angle.angle_standard_deviation   0.50 
_pdbx_validate_rmsd_angle.linker_flag                N 
# 
loop_
_pdbx_validate_torsion.id 
_pdbx_validate_torsion.PDB_model_num 
_pdbx_validate_torsion.auth_comp_id 
_pdbx_validate_torsion.auth_asym_id 
_pdbx_validate_torsion.auth_seq_id 
_pdbx_validate_torsion.PDB_ins_code 
_pdbx_validate_torsion.label_alt_id 
_pdbx_validate_torsion.phi 
_pdbx_validate_torsion.psi 
1 1 VAL A 4  ? ? 55.46   70.42   
2 1 SER A 12 ? ? 79.24   -84.52  
3 1 CYS A 29 ? ? 74.13   -69.78  
4 1 GLN A 32 ? ? 78.08   107.26  
5 1 LYS A 37 ? ? -149.38 -118.83 
6 1 TRP A 39 ? ? 52.26   -136.76 
7 1 LEU A 46 ? ? 74.64   82.68   
# 
_pdbx_nmr_ensemble.entry_id                             1D6G 
_pdbx_nmr_ensemble.conformers_calculated_total_number   90 
_pdbx_nmr_ensemble.conformers_submitted_total_number    1 
_pdbx_nmr_ensemble.conformer_selection_criteria         ? 
# 
_pdbx_nmr_representative.entry_id             1D6G 
_pdbx_nmr_representative.conformer_id         ? 
_pdbx_nmr_representative.selection_criteria   'lowest energy' 
# 
loop_
_pdbx_nmr_sample_details.solution_id 
_pdbx_nmr_sample_details.contents 
_pdbx_nmr_sample_details.solvent_system 
_pdbx_nmr_sample_details.label 
_pdbx_nmr_sample_details.type 
_pdbx_nmr_sample_details.details 
1 '1.6mM CCK-A_R(1-47), 171 mM DPC-d38, 90% H2O/10% D2O'                          '90% H2O/10% D2O'              'sample 1' 
solution ? 
2 '1.5mM CCK-8, 137mM DPC-d38, 90% H2O/10% D2O'                                   '90% H2O/10% D2O'              'sample 2' 
solution ? 
3 '0.8mM CCK-A-R(1-47) + 0.37-3mM CCK-8, 171 mM DPC-d38, 100% D2O'                '100% D2O'                     'sample 3' 
solution ? 
4 '1.6mM CCK-A-R(1-47) + 3mM CCK-8, 171 mM DPC-d38, 100% D2O or 90% H2O, 10% D2O' '100% D2O or 90% H2O, 10% D2O' 'sample 4' 
solution ? 
# 
loop_
_pdbx_nmr_exptl_sample_conditions.conditions_id 
_pdbx_nmr_exptl_sample_conditions.temperature 
_pdbx_nmr_exptl_sample_conditions.pressure 
_pdbx_nmr_exptl_sample_conditions.pH 
_pdbx_nmr_exptl_sample_conditions.ionic_strength 
_pdbx_nmr_exptl_sample_conditions.pressure_units 
_pdbx_nmr_exptl_sample_conditions.temperature_units 
_pdbx_nmr_exptl_sample_conditions.label 
_pdbx_nmr_exptl_sample_conditions.pH_units 
_pdbx_nmr_exptl_sample_conditions.ionic_strength_units 
1 285 ambient 6.5 ? ? K 'conditions 1' 'Not defined' ? 
2 298 ambient 6.5 ? ? K 'conditions 2' 'Not defined' ? 
3 308 ambient 6.5 ? ? K 'conditions 3' 'Not defined' ? 
# 
loop_
_pdbx_nmr_exptl.experiment_id 
_pdbx_nmr_exptl.solution_id 
_pdbx_nmr_exptl.conditions_id 
_pdbx_nmr_exptl.type 
1 1 1 '2D NOESY' 
2 2 2 '2D NOESY' 
3 4 3 '2D NOESY' 
# 
_pdbx_nmr_refine.entry_id           1D6G 
_pdbx_nmr_refine.method             'distance geometry, simulated annealing, molecular dynamics' 
_pdbx_nmr_refine.details            
;The structures of CCK-A-R(1-47) and CCK-8 were calculated separately. The complex was calculated using intra- and intermolecular NOEs using simulated annealing and molecular dynamics calculations. The calculations utilized explicit solvent, as a decane/water simulation cell.
;
_pdbx_nmr_refine.software_ordinal   1 
# 
loop_
_pdbx_nmr_software.name 
_pdbx_nmr_software.version 
_pdbx_nmr_software.classification 
_pdbx_nmr_software.authors 
_pdbx_nmr_software.ordinal 
GROMACS             1.6            refinement           
;van der Spoel, D.; van Buuren, A.R.; Apol, E.; Meulenhoff, P.J.; Tielman, D.P.; Sijbers, A.L.T.M.; van Drunen, R.; Berendsen, H.J.C.
;
1 
'Distance Geometry' 'home written' 'structure solution' 'Mierke, D.F.' 2 
# 
loop_
_chem_comp_atom.comp_id 
_chem_comp_atom.atom_id 
_chem_comp_atom.type_symbol 
_chem_comp_atom.pdbx_aromatic_flag 
_chem_comp_atom.pdbx_stereo_config 
_chem_comp_atom.pdbx_ordinal 
ALA N    N N N 1   
ALA CA   C N S 2   
ALA C    C N N 3   
ALA O    O N N 4   
ALA CB   C N N 5   
ALA OXT  O N N 6   
ALA H    H N N 7   
ALA H2   H N N 8   
ALA HA   H N N 9   
ALA HB1  H N N 10  
ALA HB2  H N N 11  
ALA HB3  H N N 12  
ALA HXT  H N N 13  
ARG N    N N N 14  
ARG CA   C N S 15  
ARG C    C N N 16  
ARG O    O N N 17  
ARG CB   C N N 18  
ARG CG   C N N 19  
ARG CD   C N N 20  
ARG NE   N N N 21  
ARG CZ   C N N 22  
ARG NH1  N N N 23  
ARG NH2  N N N 24  
ARG OXT  O N N 25  
ARG H    H N N 26  
ARG H2   H N N 27  
ARG HA   H N N 28  
ARG HB2  H N N 29  
ARG HB3  H N N 30  
ARG HG2  H N N 31  
ARG HG3  H N N 32  
ARG HD2  H N N 33  
ARG HD3  H N N 34  
ARG HE   H N N 35  
ARG HH11 H N N 36  
ARG HH12 H N N 37  
ARG HH21 H N N 38  
ARG HH22 H N N 39  
ARG HXT  H N N 40  
ASN N    N N N 41  
ASN CA   C N S 42  
ASN C    C N N 43  
ASN O    O N N 44  
ASN CB   C N N 45  
ASN CG   C N N 46  
ASN OD1  O N N 47  
ASN ND2  N N N 48  
ASN OXT  O N N 49  
ASN H    H N N 50  
ASN H2   H N N 51  
ASN HA   H N N 52  
ASN HB2  H N N 53  
ASN HB3  H N N 54  
ASN HD21 H N N 55  
ASN HD22 H N N 56  
ASN HXT  H N N 57  
ASP N    N N N 58  
ASP CA   C N S 59  
ASP C    C N N 60  
ASP O    O N N 61  
ASP CB   C N N 62  
ASP CG   C N N 63  
ASP OD1  O N N 64  
ASP OD2  O N N 65  
ASP OXT  O N N 66  
ASP H    H N N 67  
ASP H2   H N N 68  
ASP HA   H N N 69  
ASP HB2  H N N 70  
ASP HB3  H N N 71  
ASP HD2  H N N 72  
ASP HXT  H N N 73  
CYS N    N N N 74  
CYS CA   C N R 75  
CYS C    C N N 76  
CYS O    O N N 77  
CYS CB   C N N 78  
CYS SG   S N N 79  
CYS OXT  O N N 80  
CYS H    H N N 81  
CYS H2   H N N 82  
CYS HA   H N N 83  
CYS HB2  H N N 84  
CYS HB3  H N N 85  
CYS HG   H N N 86  
CYS HXT  H N N 87  
GLN N    N N N 88  
GLN CA   C N S 89  
GLN C    C N N 90  
GLN O    O N N 91  
GLN CB   C N N 92  
GLN CG   C N N 93  
GLN CD   C N N 94  
GLN OE1  O N N 95  
GLN NE2  N N N 96  
GLN OXT  O N N 97  
GLN H    H N N 98  
GLN H2   H N N 99  
GLN HA   H N N 100 
GLN HB2  H N N 101 
GLN HB3  H N N 102 
GLN HG2  H N N 103 
GLN HG3  H N N 104 
GLN HE21 H N N 105 
GLN HE22 H N N 106 
GLN HXT  H N N 107 
GLU N    N N N 108 
GLU CA   C N S 109 
GLU C    C N N 110 
GLU O    O N N 111 
GLU CB   C N N 112 
GLU CG   C N N 113 
GLU CD   C N N 114 
GLU OE1  O N N 115 
GLU OE2  O N N 116 
GLU OXT  O N N 117 
GLU H    H N N 118 
GLU H2   H N N 119 
GLU HA   H N N 120 
GLU HB2  H N N 121 
GLU HB3  H N N 122 
GLU HG2  H N N 123 
GLU HG3  H N N 124 
GLU HE2  H N N 125 
GLU HXT  H N N 126 
GLY N    N N N 127 
GLY CA   C N N 128 
GLY C    C N N 129 
GLY O    O N N 130 
GLY OXT  O N N 131 
GLY H    H N N 132 
GLY H2   H N N 133 
GLY HA2  H N N 134 
GLY HA3  H N N 135 
GLY HXT  H N N 136 
ILE N    N N N 137 
ILE CA   C N S 138 
ILE C    C N N 139 
ILE O    O N N 140 
ILE CB   C N S 141 
ILE CG1  C N N 142 
ILE CG2  C N N 143 
ILE CD1  C N N 144 
ILE OXT  O N N 145 
ILE H    H N N 146 
ILE H2   H N N 147 
ILE HA   H N N 148 
ILE HB   H N N 149 
ILE HG12 H N N 150 
ILE HG13 H N N 151 
ILE HG21 H N N 152 
ILE HG22 H N N 153 
ILE HG23 H N N 154 
ILE HD11 H N N 155 
ILE HD12 H N N 156 
ILE HD13 H N N 157 
ILE HXT  H N N 158 
LEU N    N N N 159 
LEU CA   C N S 160 
LEU C    C N N 161 
LEU O    O N N 162 
LEU CB   C N N 163 
LEU CG   C N N 164 
LEU CD1  C N N 165 
LEU CD2  C N N 166 
LEU OXT  O N N 167 
LEU H    H N N 168 
LEU H2   H N N 169 
LEU HA   H N N 170 
LEU HB2  H N N 171 
LEU HB3  H N N 172 
LEU HG   H N N 173 
LEU HD11 H N N 174 
LEU HD12 H N N 175 
LEU HD13 H N N 176 
LEU HD21 H N N 177 
LEU HD22 H N N 178 
LEU HD23 H N N 179 
LEU HXT  H N N 180 
LYS N    N N N 181 
LYS CA   C N S 182 
LYS C    C N N 183 
LYS O    O N N 184 
LYS CB   C N N 185 
LYS CG   C N N 186 
LYS CD   C N N 187 
LYS CE   C N N 188 
LYS NZ   N N N 189 
LYS OXT  O N N 190 
LYS H    H N N 191 
LYS H2   H N N 192 
LYS HA   H N N 193 
LYS HB2  H N N 194 
LYS HB3  H N N 195 
LYS HG2  H N N 196 
LYS HG3  H N N 197 
LYS HD2  H N N 198 
LYS HD3  H N N 199 
LYS HE2  H N N 200 
LYS HE3  H N N 201 
LYS HZ1  H N N 202 
LYS HZ2  H N N 203 
LYS HZ3  H N N 204 
LYS HXT  H N N 205 
MET N    N N N 206 
MET CA   C N S 207 
MET C    C N N 208 
MET O    O N N 209 
MET CB   C N N 210 
MET CG   C N N 211 
MET SD   S N N 212 
MET CE   C N N 213 
MET OXT  O N N 214 
MET H    H N N 215 
MET H2   H N N 216 
MET HA   H N N 217 
MET HB2  H N N 218 
MET HB3  H N N 219 
MET HG2  H N N 220 
MET HG3  H N N 221 
MET HE1  H N N 222 
MET HE2  H N N 223 
MET HE3  H N N 224 
MET HXT  H N N 225 
NH2 N    N N N 226 
NH2 HN1  H N N 227 
NH2 HN2  H N N 228 
PHE N    N N N 229 
PHE CA   C N S 230 
PHE C    C N N 231 
PHE O    O N N 232 
PHE CB   C N N 233 
PHE CG   C Y N 234 
PHE CD1  C Y N 235 
PHE CD2  C Y N 236 
PHE CE1  C Y N 237 
PHE CE2  C Y N 238 
PHE CZ   C Y N 239 
PHE OXT  O N N 240 
PHE H    H N N 241 
PHE H2   H N N 242 
PHE HA   H N N 243 
PHE HB2  H N N 244 
PHE HB3  H N N 245 
PHE HD1  H N N 246 
PHE HD2  H N N 247 
PHE HE1  H N N 248 
PHE HE2  H N N 249 
PHE HZ   H N N 250 
PHE HXT  H N N 251 
PRO N    N N N 252 
PRO CA   C N S 253 
PRO C    C N N 254 
PRO O    O N N 255 
PRO CB   C N N 256 
PRO CG   C N N 257 
PRO CD   C N N 258 
PRO OXT  O N N 259 
PRO H    H N N 260 
PRO HA   H N N 261 
PRO HB2  H N N 262 
PRO HB3  H N N 263 
PRO HG2  H N N 264 
PRO HG3  H N N 265 
PRO HD2  H N N 266 
PRO HD3  H N N 267 
PRO HXT  H N N 268 
SER N    N N N 269 
SER CA   C N S 270 
SER C    C N N 271 
SER O    O N N 272 
SER CB   C N N 273 
SER OG   O N N 274 
SER OXT  O N N 275 
SER H    H N N 276 
SER H2   H N N 277 
SER HA   H N N 278 
SER HB2  H N N 279 
SER HB3  H N N 280 
SER HG   H N N 281 
SER HXT  H N N 282 
THR N    N N N 283 
THR CA   C N S 284 
THR C    C N N 285 
THR O    O N N 286 
THR CB   C N R 287 
THR OG1  O N N 288 
THR CG2  C N N 289 
THR OXT  O N N 290 
THR H    H N N 291 
THR H2   H N N 292 
THR HA   H N N 293 
THR HB   H N N 294 
THR HG1  H N N 295 
THR HG21 H N N 296 
THR HG22 H N N 297 
THR HG23 H N N 298 
THR HXT  H N N 299 
TRP N    N N N 300 
TRP CA   C N S 301 
TRP C    C N N 302 
TRP O    O N N 303 
TRP CB   C N N 304 
TRP CG   C Y N 305 
TRP CD1  C Y N 306 
TRP CD2  C Y N 307 
TRP NE1  N Y N 308 
TRP CE2  C Y N 309 
TRP CE3  C Y N 310 
TRP CZ2  C Y N 311 
TRP CZ3  C Y N 312 
TRP CH2  C Y N 313 
TRP OXT  O N N 314 
TRP H    H N N 315 
TRP H2   H N N 316 
TRP HA   H N N 317 
TRP HB2  H N N 318 
TRP HB3  H N N 319 
TRP HD1  H N N 320 
TRP HE1  H N N 321 
TRP HE3  H N N 322 
TRP HZ2  H N N 323 
TRP HZ3  H N N 324 
TRP HH2  H N N 325 
TRP HXT  H N N 326 
TYR N    N N N 327 
TYR CA   C N S 328 
TYR C    C N N 329 
TYR O    O N N 330 
TYR CB   C N N 331 
TYR CG   C Y N 332 
TYR CD1  C Y N 333 
TYR CD2  C Y N 334 
TYR CE1  C Y N 335 
TYR CE2  C Y N 336 
TYR CZ   C Y N 337 
TYR OH   O N N 338 
TYR OXT  O N N 339 
TYR H    H N N 340 
TYR H2   H N N 341 
TYR HA   H N N 342 
TYR HB2  H N N 343 
TYR HB3  H N N 344 
TYR HD1  H N N 345 
TYR HD2  H N N 346 
TYR HE1  H N N 347 
TYR HE2  H N N 348 
TYR HH   H N N 349 
TYR HXT  H N N 350 
VAL N    N N N 351 
VAL CA   C N S 352 
VAL C    C N N 353 
VAL O    O N N 354 
VAL CB   C N N 355 
VAL CG1  C N N 356 
VAL CG2  C N N 357 
VAL OXT  O N N 358 
VAL H    H N N 359 
VAL H2   H N N 360 
VAL HA   H N N 361 
VAL HB   H N N 362 
VAL HG11 H N N 363 
VAL HG12 H N N 364 
VAL HG13 H N N 365 
VAL HG21 H N N 366 
VAL HG22 H N N 367 
VAL HG23 H N N 368 
VAL HXT  H N N 369 
# 
loop_
_chem_comp_bond.comp_id 
_chem_comp_bond.atom_id_1 
_chem_comp_bond.atom_id_2 
_chem_comp_bond.value_order 
_chem_comp_bond.pdbx_aromatic_flag 
_chem_comp_bond.pdbx_stereo_config 
_chem_comp_bond.pdbx_ordinal 
ALA N   CA   sing N N 1   
ALA N   H    sing N N 2   
ALA N   H2   sing N N 3   
ALA CA  C    sing N N 4   
ALA CA  CB   sing N N 5   
ALA CA  HA   sing N N 6   
ALA C   O    doub N N 7   
ALA C   OXT  sing N N 8   
ALA CB  HB1  sing N N 9   
ALA CB  HB2  sing N N 10  
ALA CB  HB3  sing N N 11  
ALA OXT HXT  sing N N 12  
ARG N   CA   sing N N 13  
ARG N   H    sing N N 14  
ARG N   H2   sing N N 15  
ARG CA  C    sing N N 16  
ARG CA  CB   sing N N 17  
ARG CA  HA   sing N N 18  
ARG C   O    doub N N 19  
ARG C   OXT  sing N N 20  
ARG CB  CG   sing N N 21  
ARG CB  HB2  sing N N 22  
ARG CB  HB3  sing N N 23  
ARG CG  CD   sing N N 24  
ARG CG  HG2  sing N N 25  
ARG CG  HG3  sing N N 26  
ARG CD  NE   sing N N 27  
ARG CD  HD2  sing N N 28  
ARG CD  HD3  sing N N 29  
ARG NE  CZ   sing N N 30  
ARG NE  HE   sing N N 31  
ARG CZ  NH1  sing N N 32  
ARG CZ  NH2  doub N N 33  
ARG NH1 HH11 sing N N 34  
ARG NH1 HH12 sing N N 35  
ARG NH2 HH21 sing N N 36  
ARG NH2 HH22 sing N N 37  
ARG OXT HXT  sing N N 38  
ASN N   CA   sing N N 39  
ASN N   H    sing N N 40  
ASN N   H2   sing N N 41  
ASN CA  C    sing N N 42  
ASN CA  CB   sing N N 43  
ASN CA  HA   sing N N 44  
ASN C   O    doub N N 45  
ASN C   OXT  sing N N 46  
ASN CB  CG   sing N N 47  
ASN CB  HB2  sing N N 48  
ASN CB  HB3  sing N N 49  
ASN CG  OD1  doub N N 50  
ASN CG  ND2  sing N N 51  
ASN ND2 HD21 sing N N 52  
ASN ND2 HD22 sing N N 53  
ASN OXT HXT  sing N N 54  
ASP N   CA   sing N N 55  
ASP N   H    sing N N 56  
ASP N   H2   sing N N 57  
ASP CA  C    sing N N 58  
ASP CA  CB   sing N N 59  
ASP CA  HA   sing N N 60  
ASP C   O    doub N N 61  
ASP C   OXT  sing N N 62  
ASP CB  CG   sing N N 63  
ASP CB  HB2  sing N N 64  
ASP CB  HB3  sing N N 65  
ASP CG  OD1  doub N N 66  
ASP CG  OD2  sing N N 67  
ASP OD2 HD2  sing N N 68  
ASP OXT HXT  sing N N 69  
CYS N   CA   sing N N 70  
CYS N   H    sing N N 71  
CYS N   H2   sing N N 72  
CYS CA  C    sing N N 73  
CYS CA  CB   sing N N 74  
CYS CA  HA   sing N N 75  
CYS C   O    doub N N 76  
CYS C   OXT  sing N N 77  
CYS CB  SG   sing N N 78  
CYS CB  HB2  sing N N 79  
CYS CB  HB3  sing N N 80  
CYS SG  HG   sing N N 81  
CYS OXT HXT  sing N N 82  
GLN N   CA   sing N N 83  
GLN N   H    sing N N 84  
GLN N   H2   sing N N 85  
GLN CA  C    sing N N 86  
GLN CA  CB   sing N N 87  
GLN CA  HA   sing N N 88  
GLN C   O    doub N N 89  
GLN C   OXT  sing N N 90  
GLN CB  CG   sing N N 91  
GLN CB  HB2  sing N N 92  
GLN CB  HB3  sing N N 93  
GLN CG  CD   sing N N 94  
GLN CG  HG2  sing N N 95  
GLN CG  HG3  sing N N 96  
GLN CD  OE1  doub N N 97  
GLN CD  NE2  sing N N 98  
GLN NE2 HE21 sing N N 99  
GLN NE2 HE22 sing N N 100 
GLN OXT HXT  sing N N 101 
GLU N   CA   sing N N 102 
GLU N   H    sing N N 103 
GLU N   H2   sing N N 104 
GLU CA  C    sing N N 105 
GLU CA  CB   sing N N 106 
GLU CA  HA   sing N N 107 
GLU C   O    doub N N 108 
GLU C   OXT  sing N N 109 
GLU CB  CG   sing N N 110 
GLU CB  HB2  sing N N 111 
GLU CB  HB3  sing N N 112 
GLU CG  CD   sing N N 113 
GLU CG  HG2  sing N N 114 
GLU CG  HG3  sing N N 115 
GLU CD  OE1  doub N N 116 
GLU CD  OE2  sing N N 117 
GLU OE2 HE2  sing N N 118 
GLU OXT HXT  sing N N 119 
GLY N   CA   sing N N 120 
GLY N   H    sing N N 121 
GLY N   H2   sing N N 122 
GLY CA  C    sing N N 123 
GLY CA  HA2  sing N N 124 
GLY CA  HA3  sing N N 125 
GLY C   O    doub N N 126 
GLY C   OXT  sing N N 127 
GLY OXT HXT  sing N N 128 
ILE N   CA   sing N N 129 
ILE N   H    sing N N 130 
ILE N   H2   sing N N 131 
ILE CA  C    sing N N 132 
ILE CA  CB   sing N N 133 
ILE CA  HA   sing N N 134 
ILE C   O    doub N N 135 
ILE C   OXT  sing N N 136 
ILE CB  CG1  sing N N 137 
ILE CB  CG2  sing N N 138 
ILE CB  HB   sing N N 139 
ILE CG1 CD1  sing N N 140 
ILE CG1 HG12 sing N N 141 
ILE CG1 HG13 sing N N 142 
ILE CG2 HG21 sing N N 143 
ILE CG2 HG22 sing N N 144 
ILE CG2 HG23 sing N N 145 
ILE CD1 HD11 sing N N 146 
ILE CD1 HD12 sing N N 147 
ILE CD1 HD13 sing N N 148 
ILE OXT HXT  sing N N 149 
LEU N   CA   sing N N 150 
LEU N   H    sing N N 151 
LEU N   H2   sing N N 152 
LEU CA  C    sing N N 153 
LEU CA  CB   sing N N 154 
LEU CA  HA   sing N N 155 
LEU C   O    doub N N 156 
LEU C   OXT  sing N N 157 
LEU CB  CG   sing N N 158 
LEU CB  HB2  sing N N 159 
LEU CB  HB3  sing N N 160 
LEU CG  CD1  sing N N 161 
LEU CG  CD2  sing N N 162 
LEU CG  HG   sing N N 163 
LEU CD1 HD11 sing N N 164 
LEU CD1 HD12 sing N N 165 
LEU CD1 HD13 sing N N 166 
LEU CD2 HD21 sing N N 167 
LEU CD2 HD22 sing N N 168 
LEU CD2 HD23 sing N N 169 
LEU OXT HXT  sing N N 170 
LYS N   CA   sing N N 171 
LYS N   H    sing N N 172 
LYS N   H2   sing N N 173 
LYS CA  C    sing N N 174 
LYS CA  CB   sing N N 175 
LYS CA  HA   sing N N 176 
LYS C   O    doub N N 177 
LYS C   OXT  sing N N 178 
LYS CB  CG   sing N N 179 
LYS CB  HB2  sing N N 180 
LYS CB  HB3  sing N N 181 
LYS CG  CD   sing N N 182 
LYS CG  HG2  sing N N 183 
LYS CG  HG3  sing N N 184 
LYS CD  CE   sing N N 185 
LYS CD  HD2  sing N N 186 
LYS CD  HD3  sing N N 187 
LYS CE  NZ   sing N N 188 
LYS CE  HE2  sing N N 189 
LYS CE  HE3  sing N N 190 
LYS NZ  HZ1  sing N N 191 
LYS NZ  HZ2  sing N N 192 
LYS NZ  HZ3  sing N N 193 
LYS OXT HXT  sing N N 194 
MET N   CA   sing N N 195 
MET N   H    sing N N 196 
MET N   H2   sing N N 197 
MET CA  C    sing N N 198 
MET CA  CB   sing N N 199 
MET CA  HA   sing N N 200 
MET C   O    doub N N 201 
MET C   OXT  sing N N 202 
MET CB  CG   sing N N 203 
MET CB  HB2  sing N N 204 
MET CB  HB3  sing N N 205 
MET CG  SD   sing N N 206 
MET CG  HG2  sing N N 207 
MET CG  HG3  sing N N 208 
MET SD  CE   sing N N 209 
MET CE  HE1  sing N N 210 
MET CE  HE2  sing N N 211 
MET CE  HE3  sing N N 212 
MET OXT HXT  sing N N 213 
NH2 N   HN1  sing N N 214 
NH2 N   HN2  sing N N 215 
PHE N   CA   sing N N 216 
PHE N   H    sing N N 217 
PHE N   H2   sing N N 218 
PHE CA  C    sing N N 219 
PHE CA  CB   sing N N 220 
PHE CA  HA   sing N N 221 
PHE C   O    doub N N 222 
PHE C   OXT  sing N N 223 
PHE CB  CG   sing N N 224 
PHE CB  HB2  sing N N 225 
PHE CB  HB3  sing N N 226 
PHE CG  CD1  doub Y N 227 
PHE CG  CD2  sing Y N 228 
PHE CD1 CE1  sing Y N 229 
PHE CD1 HD1  sing N N 230 
PHE CD2 CE2  doub Y N 231 
PHE CD2 HD2  sing N N 232 
PHE CE1 CZ   doub Y N 233 
PHE CE1 HE1  sing N N 234 
PHE CE2 CZ   sing Y N 235 
PHE CE2 HE2  sing N N 236 
PHE CZ  HZ   sing N N 237 
PHE OXT HXT  sing N N 238 
PRO N   CA   sing N N 239 
PRO N   CD   sing N N 240 
PRO N   H    sing N N 241 
PRO CA  C    sing N N 242 
PRO CA  CB   sing N N 243 
PRO CA  HA   sing N N 244 
PRO C   O    doub N N 245 
PRO C   OXT  sing N N 246 
PRO CB  CG   sing N N 247 
PRO CB  HB2  sing N N 248 
PRO CB  HB3  sing N N 249 
PRO CG  CD   sing N N 250 
PRO CG  HG2  sing N N 251 
PRO CG  HG3  sing N N 252 
PRO CD  HD2  sing N N 253 
PRO CD  HD3  sing N N 254 
PRO OXT HXT  sing N N 255 
SER N   CA   sing N N 256 
SER N   H    sing N N 257 
SER N   H2   sing N N 258 
SER CA  C    sing N N 259 
SER CA  CB   sing N N 260 
SER CA  HA   sing N N 261 
SER C   O    doub N N 262 
SER C   OXT  sing N N 263 
SER CB  OG   sing N N 264 
SER CB  HB2  sing N N 265 
SER CB  HB3  sing N N 266 
SER OG  HG   sing N N 267 
SER OXT HXT  sing N N 268 
THR N   CA   sing N N 269 
THR N   H    sing N N 270 
THR N   H2   sing N N 271 
THR CA  C    sing N N 272 
THR CA  CB   sing N N 273 
THR CA  HA   sing N N 274 
THR C   O    doub N N 275 
THR C   OXT  sing N N 276 
THR CB  OG1  sing N N 277 
THR CB  CG2  sing N N 278 
THR CB  HB   sing N N 279 
THR OG1 HG1  sing N N 280 
THR CG2 HG21 sing N N 281 
THR CG2 HG22 sing N N 282 
THR CG2 HG23 sing N N 283 
THR OXT HXT  sing N N 284 
TRP N   CA   sing N N 285 
TRP N   H    sing N N 286 
TRP N   H2   sing N N 287 
TRP CA  C    sing N N 288 
TRP CA  CB   sing N N 289 
TRP CA  HA   sing N N 290 
TRP C   O    doub N N 291 
TRP C   OXT  sing N N 292 
TRP CB  CG   sing N N 293 
TRP CB  HB2  sing N N 294 
TRP CB  HB3  sing N N 295 
TRP CG  CD1  doub Y N 296 
TRP CG  CD2  sing Y N 297 
TRP CD1 NE1  sing Y N 298 
TRP CD1 HD1  sing N N 299 
TRP CD2 CE2  doub Y N 300 
TRP CD2 CE3  sing Y N 301 
TRP NE1 CE2  sing Y N 302 
TRP NE1 HE1  sing N N 303 
TRP CE2 CZ2  sing Y N 304 
TRP CE3 CZ3  doub Y N 305 
TRP CE3 HE3  sing N N 306 
TRP CZ2 CH2  doub Y N 307 
TRP CZ2 HZ2  sing N N 308 
TRP CZ3 CH2  sing Y N 309 
TRP CZ3 HZ3  sing N N 310 
TRP CH2 HH2  sing N N 311 
TRP OXT HXT  sing N N 312 
TYR N   CA   sing N N 313 
TYR N   H    sing N N 314 
TYR N   H2   sing N N 315 
TYR CA  C    sing N N 316 
TYR CA  CB   sing N N 317 
TYR CA  HA   sing N N 318 
TYR C   O    doub N N 319 
TYR C   OXT  sing N N 320 
TYR CB  CG   sing N N 321 
TYR CB  HB2  sing N N 322 
TYR CB  HB3  sing N N 323 
TYR CG  CD1  doub Y N 324 
TYR CG  CD2  sing Y N 325 
TYR CD1 CE1  sing Y N 326 
TYR CD1 HD1  sing N N 327 
TYR CD2 CE2  doub Y N 328 
TYR CD2 HD2  sing N N 329 
TYR CE1 CZ   doub Y N 330 
TYR CE1 HE1  sing N N 331 
TYR CE2 CZ   sing Y N 332 
TYR CE2 HE2  sing N N 333 
TYR CZ  OH   sing N N 334 
TYR OH  HH   sing N N 335 
TYR OXT HXT  sing N N 336 
VAL N   CA   sing N N 337 
VAL N   H    sing N N 338 
VAL N   H2   sing N N 339 
VAL CA  C    sing N N 340 
VAL CA  CB   sing N N 341 
VAL CA  HA   sing N N 342 
VAL C   O    doub N N 343 
VAL C   OXT  sing N N 344 
VAL CB  CG1  sing N N 345 
VAL CB  CG2  sing N N 346 
VAL CB  HB   sing N N 347 
VAL CG1 HG11 sing N N 348 
VAL CG1 HG12 sing N N 349 
VAL CG1 HG13 sing N N 350 
VAL CG2 HG21 sing N N 351 
VAL CG2 HG22 sing N N 352 
VAL CG2 HG23 sing N N 353 
VAL OXT HXT  sing N N 354 
# 
loop_
_pdbx_nmr_spectrometer.spectrometer_id 
_pdbx_nmr_spectrometer.type 
_pdbx_nmr_spectrometer.manufacturer 
_pdbx_nmr_spectrometer.model 
_pdbx_nmr_spectrometer.field_strength 
1 ? Varian UNITY        500 
2 ? Bruker 'AVANCE DRX' 600 
3 ? Varian UNITY        750 
# 
_atom_sites.entry_id                    1D6G 
_atom_sites.fract_transf_matrix[1][1]   1.000000 
_atom_sites.fract_transf_matrix[1][2]   0.000000 
_atom_sites.fract_transf_matrix[1][3]   0.000000 
_atom_sites.fract_transf_matrix[2][1]   0.000000 
_atom_sites.fract_transf_matrix[2][2]   1.000000 
_atom_sites.fract_transf_matrix[2][3]   0.000000 
_atom_sites.fract_transf_matrix[3][1]   0.000000 
_atom_sites.fract_transf_matrix[3][2]   0.000000 
_atom_sites.fract_transf_matrix[3][3]   1.000000 
_atom_sites.fract_transf_vector[1]      0.00000 
_atom_sites.fract_transf_vector[2]      0.00000 
_atom_sites.fract_transf_vector[3]      0.00000 
# 
loop_
_atom_type.symbol 
C 
H 
N 
O 
S 
# 
loop_
_atom_site.group_PDB 
_atom_site.id 
_atom_site.type_symbol 
_atom_site.label_atom_id 
_atom_site.label_alt_id 
_atom_site.label_comp_id 
_atom_site.label_asym_id 
_atom_site.label_entity_id 
_atom_site.label_seq_id 
_atom_site.pdbx_PDB_ins_code 
_atom_site.Cartn_x 
_atom_site.Cartn_y 
_atom_site.Cartn_z 
_atom_site.occupancy 
_atom_site.B_iso_or_equiv 
_atom_site.pdbx_formal_charge 
_atom_site.auth_seq_id 
_atom_site.auth_comp_id 
_atom_site.auth_asym_id 
_atom_site.auth_atom_id 
_atom_site.pdbx_PDB_model_num 
ATOM   1   N N    . MET A 1 1  ? -2.980  2.470   -11.960 1.00 0.00 ? 1  MET A N    1 
ATOM   2   C CA   . MET A 1 1  ? -2.068  3.567   -12.359 1.00 0.00 ? 1  MET A CA   1 
ATOM   3   C C    . MET A 1 1  ? -1.287  3.161   -13.638 1.00 0.00 ? 1  MET A C    1 
ATOM   4   O O    . MET A 1 1  ? -0.778  2.040   -13.753 1.00 0.00 ? 1  MET A O    1 
ATOM   5   C CB   . MET A 1 1  ? -1.120  3.922   -11.183 1.00 0.00 ? 1  MET A CB   1 
ATOM   6   C CG   . MET A 1 1  ? -0.400  5.275   -11.324 1.00 0.00 ? 1  MET A CG   1 
ATOM   7   S SD   . MET A 1 1  ? 0.717   5.522   -9.929  1.00 0.00 ? 1  MET A SD   1 
ATOM   8   C CE   . MET A 1 1  ? 1.270   7.212   -10.219 1.00 0.00 ? 1  MET A CE   1 
ATOM   9   H H1   . MET A 1 1  ? -2.464  1.614   -11.731 1.00 0.00 ? 1  MET A H1   1 
ATOM   10  H H2   . MET A 1 1  ? -3.537  2.721   -11.135 1.00 0.00 ? 1  MET A H2   1 
ATOM   11  H H3   . MET A 1 1  ? -3.639  2.236   -12.711 1.00 0.00 ? 1  MET A H3   1 
ATOM   12  H HA   . MET A 1 1  ? -2.713  4.445   -12.565 1.00 0.00 ? 1  MET A HA   1 
ATOM   13  H HB2  . MET A 1 1  ? -1.685  3.944   -10.231 1.00 0.00 ? 1  MET A HB2  1 
ATOM   14  H HB3  . MET A 1 1  ? -0.368  3.121   -11.052 1.00 0.00 ? 1  MET A HB3  1 
ATOM   15  H HG2  . MET A 1 1  ? 0.188   5.321   -12.258 1.00 0.00 ? 1  MET A HG2  1 
ATOM   16  H HG3  . MET A 1 1  ? -1.132  6.103   -11.364 1.00 0.00 ? 1  MET A HG3  1 
ATOM   17  H HE1  . MET A 1 1  ? 1.752   7.309   -11.209 1.00 0.00 ? 1  MET A HE1  1 
ATOM   18  H HE2  . MET A 1 1  ? 0.421   7.918   -10.175 1.00 0.00 ? 1  MET A HE2  1 
ATOM   19  H HE3  . MET A 1 1  ? 2.004   7.514   -9.451  1.00 0.00 ? 1  MET A HE3  1 
ATOM   20  N N    . ASP A 1 2  ? -1.135  4.124   -14.567 1.00 0.00 ? 2  ASP A N    1 
ATOM   21  C CA   . ASP A 1 2  ? -0.269  3.965   -15.774 1.00 0.00 ? 2  ASP A CA   1 
ATOM   22  C C    . ASP A 1 2  ? 1.257   3.832   -15.460 1.00 0.00 ? 2  ASP A C    1 
ATOM   23  O O    . ASP A 1 2  ? 1.898   2.930   -16.009 1.00 0.00 ? 2  ASP A O    1 
ATOM   24  C CB   . ASP A 1 2  ? -0.522  5.109   -16.795 1.00 0.00 ? 2  ASP A CB   1 
ATOM   25  C CG   . ASP A 1 2  ? -1.915  5.116   -17.444 1.00 0.00 ? 2  ASP A CG   1 
ATOM   26  O OD1  . ASP A 1 2  ? -2.137  4.349   -18.407 1.00 0.00 ? 2  ASP A OD1  1 
ATOM   27  O OD2  . ASP A 1 2  ? -2.792  5.884   -16.990 1.00 0.00 ? 2  ASP A OD2  1 
ATOM   28  H H    . ASP A 1 2  ? -1.593  5.015   -14.342 1.00 0.00 ? 2  ASP A H    1 
ATOM   29  H HA   . ASP A 1 2  ? -0.569  3.022   -16.274 1.00 0.00 ? 2  ASP A HA   1 
ATOM   30  H HB2  . ASP A 1 2  ? -0.331  6.094   -16.324 1.00 0.00 ? 2  ASP A HB2  1 
ATOM   31  H HB3  . ASP A 1 2  ? 0.218   5.046   -17.615 1.00 0.00 ? 2  ASP A HB3  1 
ATOM   32  N N    . VAL A 1 3  ? 1.827   4.693   -14.586 1.00 0.00 ? 3  VAL A N    1 
ATOM   33  C CA   . VAL A 1 3  ? 3.263   4.630   -14.188 1.00 0.00 ? 3  VAL A CA   1 
ATOM   34  C C    . VAL A 1 3  ? 3.403   3.551   -13.065 1.00 0.00 ? 3  VAL A C    1 
ATOM   35  O O    . VAL A 1 3  ? 2.850   3.698   -11.968 1.00 0.00 ? 3  VAL A O    1 
ATOM   36  C CB   . VAL A 1 3  ? 3.806   6.042   -13.767 1.00 0.00 ? 3  VAL A CB   1 
ATOM   37  C CG1  . VAL A 1 3  ? 5.300   6.019   -13.357 1.00 0.00 ? 3  VAL A CG1  1 
ATOM   38  C CG2  . VAL A 1 3  ? 3.647   7.123   -14.866 1.00 0.00 ? 3  VAL A CG2  1 
ATOM   39  H H    . VAL A 1 3  ? 1.186   5.391   -14.191 1.00 0.00 ? 3  VAL A H    1 
ATOM   40  H HA   . VAL A 1 3  ? 3.856   4.328   -15.077 1.00 0.00 ? 3  VAL A HA   1 
ATOM   41  H HB   . VAL A 1 3  ? 3.233   6.387   -12.886 1.00 0.00 ? 3  VAL A HB   1 
ATOM   42  H HG11 . VAL A 1 3  ? 5.482   5.344   -12.502 1.00 0.00 ? 3  VAL A HG11 1 
ATOM   43  H HG12 . VAL A 1 3  ? 5.951   5.678   -14.184 1.00 0.00 ? 3  VAL A HG12 1 
ATOM   44  H HG13 . VAL A 1 3  ? 5.659   7.017   -13.044 1.00 0.00 ? 3  VAL A HG13 1 
ATOM   45  H HG21 . VAL A 1 3  ? 4.024   8.110   -14.535 1.00 0.00 ? 3  VAL A HG21 1 
ATOM   46  H HG22 . VAL A 1 3  ? 4.191   6.856   -15.792 1.00 0.00 ? 3  VAL A HG22 1 
ATOM   47  H HG23 . VAL A 1 3  ? 2.588   7.276   -15.145 1.00 0.00 ? 3  VAL A HG23 1 
ATOM   48  N N    . VAL A 1 4  ? 4.150   2.475   -13.381 1.00 0.00 ? 4  VAL A N    1 
ATOM   49  C CA   . VAL A 1 4  ? 4.432   1.321   -12.470 1.00 0.00 ? 4  VAL A CA   1 
ATOM   50  C C    . VAL A 1 4  ? 3.165   0.609   -11.886 1.00 0.00 ? 4  VAL A C    1 
ATOM   51  O O    . VAL A 1 4  ? 2.889   0.683   -10.685 1.00 0.00 ? 4  VAL A O    1 
ATOM   52  C CB   . VAL A 1 4  ? 5.605   1.543   -11.447 1.00 0.00 ? 4  VAL A CB   1 
ATOM   53  C CG1  . VAL A 1 4  ? 6.969   1.774   -12.138 1.00 0.00 ? 4  VAL A CG1  1 
ATOM   54  C CG2  . VAL A 1 4  ? 5.377   2.633   -10.373 1.00 0.00 ? 4  VAL A CG2  1 
ATOM   55  H H    . VAL A 1 4  ? 4.545   2.507   -14.328 1.00 0.00 ? 4  VAL A H    1 
ATOM   56  H HA   . VAL A 1 4  ? 4.853   0.562   -13.161 1.00 0.00 ? 4  VAL A HA   1 
ATOM   57  H HB   . VAL A 1 4  ? 5.716   0.591   -10.894 1.00 0.00 ? 4  VAL A HB   1 
ATOM   58  H HG11 . VAL A 1 4  ? 7.210   0.957   -12.843 1.00 0.00 ? 4  VAL A HG11 1 
ATOM   59  H HG12 . VAL A 1 4  ? 6.989   2.718   -12.713 1.00 0.00 ? 4  VAL A HG12 1 
ATOM   60  H HG13 . VAL A 1 4  ? 7.800   1.816   -11.409 1.00 0.00 ? 4  VAL A HG13 1 
ATOM   61  H HG21 . VAL A 1 4  ? 5.333   3.646   -10.811 1.00 0.00 ? 4  VAL A HG21 1 
ATOM   62  H HG22 . VAL A 1 4  ? 4.434   2.480   -9.816  1.00 0.00 ? 4  VAL A HG22 1 
ATOM   63  H HG23 . VAL A 1 4  ? 6.187   2.639   -9.620  1.00 0.00 ? 4  VAL A HG23 1 
ATOM   64  N N    . ASP A 1 5  ? 2.423   -0.113  -12.749 1.00 0.00 ? 5  ASP A N    1 
ATOM   65  C CA   . ASP A 1 5  ? 1.277   -0.966  -12.320 1.00 0.00 ? 5  ASP A CA   1 
ATOM   66  C C    . ASP A 1 5  ? 1.704   -2.280  -11.585 1.00 0.00 ? 5  ASP A C    1 
ATOM   67  O O    . ASP A 1 5  ? 1.096   -2.607  -10.564 1.00 0.00 ? 5  ASP A O    1 
ATOM   68  C CB   . ASP A 1 5  ? 0.359   -1.237  -13.543 1.00 0.00 ? 5  ASP A CB   1 
ATOM   69  C CG   . ASP A 1 5  ? -1.049  -1.730  -13.176 1.00 0.00 ? 5  ASP A CG   1 
ATOM   70  O OD1  . ASP A 1 5  ? -1.945  -0.886  -12.951 1.00 0.00 ? 5  ASP A OD1  1 
ATOM   71  O OD2  . ASP A 1 5  ? -1.260  -2.961  -13.102 1.00 0.00 ? 5  ASP A OD2  1 
ATOM   72  H H    . ASP A 1 5  ? 2.761   -0.109  -13.718 1.00 0.00 ? 5  ASP A H    1 
ATOM   73  H HA   . ASP A 1 5  ? 0.680   -0.366  -11.602 1.00 0.00 ? 5  ASP A HA   1 
ATOM   74  H HB2  . ASP A 1 5  ? 0.237   -0.317  -14.147 1.00 0.00 ? 5  ASP A HB2  1 
ATOM   75  H HB3  . ASP A 1 5  ? 0.835   -1.960  -14.233 1.00 0.00 ? 5  ASP A HB3  1 
ATOM   76  N N    . SER A 1 6  ? 2.730   -3.006  -12.087 1.00 0.00 ? 6  SER A N    1 
ATOM   77  C CA   . SER A 1 6  ? 3.293   -4.221  -11.427 1.00 0.00 ? 6  SER A CA   1 
ATOM   78  C C    . SER A 1 6  ? 3.849   -4.033  -9.980  1.00 0.00 ? 6  SER A C    1 
ATOM   79  O O    . SER A 1 6  ? 3.615   -4.907  -9.141  1.00 0.00 ? 6  SER A O    1 
ATOM   80  C CB   . SER A 1 6  ? 4.372   -4.851  -12.338 1.00 0.00 ? 6  SER A CB   1 
ATOM   81  O OG   . SER A 1 6  ? 3.826   -5.262  -13.586 1.00 0.00 ? 6  SER A OG   1 
ATOM   82  H H    . SER A 1 6  ? 3.144   -2.622  -12.944 1.00 0.00 ? 6  SER A H    1 
ATOM   83  H HA   . SER A 1 6  ? 2.473   -4.960  -11.360 1.00 0.00 ? 6  SER A HA   1 
ATOM   84  H HB2  . SER A 1 6  ? 5.207   -4.145  -12.515 1.00 0.00 ? 6  SER A HB2  1 
ATOM   85  H HB3  . SER A 1 6  ? 4.823   -5.736  -11.850 1.00 0.00 ? 6  SER A HB3  1 
ATOM   86  H HG   . SER A 1 6  ? 3.137   -5.898  -13.378 1.00 0.00 ? 6  SER A HG   1 
ATOM   87  N N    . LEU A 1 7  ? 4.540   -2.912  -9.675  1.00 0.00 ? 7  LEU A N    1 
ATOM   88  C CA   . LEU A 1 7  ? 4.901   -2.535  -8.274  1.00 0.00 ? 7  LEU A CA   1 
ATOM   89  C C    . LEU A 1 7  ? 3.682   -2.175  -7.360  1.00 0.00 ? 7  LEU A C    1 
ATOM   90  O O    . LEU A 1 7  ? 3.670   -2.587  -6.196  1.00 0.00 ? 7  LEU A O    1 
ATOM   91  C CB   . LEU A 1 7  ? 5.948   -1.382  -8.247  1.00 0.00 ? 7  LEU A CB   1 
ATOM   92  C CG   . LEU A 1 7  ? 7.323   -1.625  -8.935  1.00 0.00 ? 7  LEU A CG   1 
ATOM   93  C CD1  . LEU A 1 7  ? 8.183   -0.346  -8.886  1.00 0.00 ? 7  LEU A CD1  1 
ATOM   94  C CD2  . LEU A 1 7  ? 8.113   -2.802  -8.327  1.00 0.00 ? 7  LEU A CD2  1 
ATOM   95  H H    . LEU A 1 7  ? 4.666   -2.259  -10.456 1.00 0.00 ? 7  LEU A H    1 
ATOM   96  H HA   . LEU A 1 7  ? 5.382   -3.418  -7.808  1.00 0.00 ? 7  LEU A HA   1 
ATOM   97  H HB2  . LEU A 1 7  ? 5.481   -0.480  -8.689  1.00 0.00 ? 7  LEU A HB2  1 
ATOM   98  H HB3  . LEU A 1 7  ? 6.139   -1.105  -7.192  1.00 0.00 ? 7  LEU A HB3  1 
ATOM   99  H HG   . LEU A 1 7  ? 7.142   -1.854  -10.001 1.00 0.00 ? 7  LEU A HG   1 
ATOM   100 H HD11 . LEU A 1 7  ? 7.662   0.515   -9.342  1.00 0.00 ? 7  LEU A HD11 1 
ATOM   101 H HD12 . LEU A 1 7  ? 8.443   -0.057  -7.852  1.00 0.00 ? 7  LEU A HD12 1 
ATOM   102 H HD13 . LEU A 1 7  ? 9.131   -0.471  -9.441  1.00 0.00 ? 7  LEU A HD13 1 
ATOM   103 H HD21 . LEU A 1 7  ? 9.093   -2.937  -8.823  1.00 0.00 ? 7  LEU A HD21 1 
ATOM   104 H HD22 . LEU A 1 7  ? 8.307   -2.660  -7.249  1.00 0.00 ? 7  LEU A HD22 1 
ATOM   105 H HD23 . LEU A 1 7  ? 7.574   -3.760  -8.441  1.00 0.00 ? 7  LEU A HD23 1 
ATOM   106 N N    . LEU A 1 8  ? 2.669   -1.444  -7.873  1.00 0.00 ? 8  LEU A N    1 
ATOM   107 C CA   . LEU A 1 8  ? 1.404   -1.159  -7.131  1.00 0.00 ? 8  LEU A CA   1 
ATOM   108 C C    . LEU A 1 8  ? 0.370   -2.333  -6.983  1.00 0.00 ? 8  LEU A C    1 
ATOM   109 O O    . LEU A 1 8  ? -0.665  -2.121  -6.342  1.00 0.00 ? 8  LEU A O    1 
ATOM   110 C CB   . LEU A 1 8  ? 0.750   0.110   -7.755  1.00 0.00 ? 8  LEU A CB   1 
ATOM   111 C CG   . LEU A 1 8  ? 1.490   1.457   -7.495  1.00 0.00 ? 8  LEU A CG   1 
ATOM   112 C CD1  . LEU A 1 8  ? 1.002   2.551   -8.459  1.00 0.00 ? 8  LEU A CD1  1 
ATOM   113 C CD2  . LEU A 1 8  ? 1.364   1.946   -6.037  1.00 0.00 ? 8  LEU A CD2  1 
ATOM   114 H H    . LEU A 1 8  ? 2.795   -1.165  -8.852  1.00 0.00 ? 8  LEU A H    1 
ATOM   115 H HA   . LEU A 1 8  ? 1.681   -0.894  -6.094  1.00 0.00 ? 8  LEU A HA   1 
ATOM   116 H HB2  . LEU A 1 8  ? 0.630   -0.053  -8.844  1.00 0.00 ? 8  LEU A HB2  1 
ATOM   117 H HB3  . LEU A 1 8  ? -0.288  0.219   -7.389  1.00 0.00 ? 8  LEU A HB3  1 
ATOM   118 H HG   . LEU A 1 8  ? 2.566   1.315   -7.708  1.00 0.00 ? 8  LEU A HG   1 
ATOM   119 H HD11 . LEU A 1 8  ? 1.552   3.498   -8.308  1.00 0.00 ? 8  LEU A HD11 1 
ATOM   120 H HD12 . LEU A 1 8  ? 1.160   2.260   -9.512  1.00 0.00 ? 8  LEU A HD12 1 
ATOM   121 H HD13 . LEU A 1 8  ? -0.075  2.770   -8.339  1.00 0.00 ? 8  LEU A HD13 1 
ATOM   122 H HD21 . LEU A 1 8  ? 0.314   2.121   -5.739  1.00 0.00 ? 8  LEU A HD21 1 
ATOM   123 H HD22 . LEU A 1 8  ? 1.790   1.224   -5.316  1.00 0.00 ? 8  LEU A HD22 1 
ATOM   124 H HD23 . LEU A 1 8  ? 1.908   2.897   -5.883  1.00 0.00 ? 8  LEU A HD23 1 
ATOM   125 N N    . VAL A 1 9  ? 0.645   -3.555  -7.490  1.00 0.00 ? 9  VAL A N    1 
ATOM   126 C CA   . VAL A 1 9  ? -0.120  -4.797  -7.154  1.00 0.00 ? 9  VAL A CA   1 
ATOM   127 C C    . VAL A 1 9  ? 0.765   -5.805  -6.349  1.00 0.00 ? 9  VAL A C    1 
ATOM   128 O O    . VAL A 1 9  ? 0.340   -6.243  -5.276  1.00 0.00 ? 9  VAL A O    1 
ATOM   129 C CB   . VAL A 1 9  ? -0.881  -5.434  -8.370  1.00 0.00 ? 9  VAL A CB   1 
ATOM   130 C CG1  . VAL A 1 9  ? -2.021  -4.528  -8.888  1.00 0.00 ? 9  VAL A CG1  1 
ATOM   131 C CG2  . VAL A 1 9  ? -0.005  -5.890  -9.559  1.00 0.00 ? 9  VAL A CG2  1 
ATOM   132 H H    . VAL A 1 9  ? 1.534   -3.604  -8.001  1.00 0.00 ? 9  VAL A H    1 
ATOM   133 H HA   . VAL A 1 9  ? -0.923  -4.528  -6.439  1.00 0.00 ? 9  VAL A HA   1 
ATOM   134 H HB   . VAL A 1 9  ? -1.379  -6.346  -7.988  1.00 0.00 ? 9  VAL A HB   1 
ATOM   135 H HG11 . VAL A 1 9  ? -2.716  -4.243  -8.076  1.00 0.00 ? 9  VAL A HG11 1 
ATOM   136 H HG12 . VAL A 1 9  ? -1.638  -3.591  -9.336  1.00 0.00 ? 9  VAL A HG12 1 
ATOM   137 H HG13 . VAL A 1 9  ? -2.628  -5.034  -9.663  1.00 0.00 ? 9  VAL A HG13 1 
ATOM   138 H HG21 . VAL A 1 9  ? 0.546   -5.048  -10.013 1.00 0.00 ? 9  VAL A HG21 1 
ATOM   139 H HG22 . VAL A 1 9  ? 0.744   -6.643  -9.256  1.00 0.00 ? 9  VAL A HG22 1 
ATOM   140 H HG23 . VAL A 1 9  ? -0.607  -6.355  -10.361 1.00 0.00 ? 9  VAL A HG23 1 
ATOM   141 N N    . ASN A 1 10 ? 1.976   -6.159  -6.834  1.00 0.00 ? 10 ASN A N    1 
ATOM   142 C CA   . ASN A 1 10 ? 2.938   -7.031  -6.104  1.00 0.00 ? 10 ASN A CA   1 
ATOM   143 C C    . ASN A 1 10 ? 3.747   -6.145  -5.116  1.00 0.00 ? 10 ASN A C    1 
ATOM   144 O O    . ASN A 1 10 ? 4.576   -5.326  -5.534  1.00 0.00 ? 10 ASN A O    1 
ATOM   145 C CB   . ASN A 1 10 ? 3.885   -7.772  -7.091  1.00 0.00 ? 10 ASN A CB   1 
ATOM   146 C CG   . ASN A 1 10 ? 3.209   -8.805  -8.017  1.00 0.00 ? 10 ASN A CG   1 
ATOM   147 O OD1  . ASN A 1 10 ? 2.762   -9.864  -7.576  1.00 0.00 ? 10 ASN A OD1  1 
ATOM   148 N ND2  . ASN A 1 10 ? 3.126   -8.525  -9.310  1.00 0.00 ? 10 ASN A ND2  1 
ATOM   149 H H    . ASN A 1 10 ? 2.221   -5.726  -7.732  1.00 0.00 ? 10 ASN A H    1 
ATOM   150 H HA   . ASN A 1 10 ? 2.379   -7.814  -5.548  1.00 0.00 ? 10 ASN A HA   1 
ATOM   151 H HB2  . ASN A 1 10 ? 4.473   -7.040  -7.681  1.00 0.00 ? 10 ASN A HB2  1 
ATOM   152 H HB3  . ASN A 1 10 ? 4.649   -8.321  -6.507  1.00 0.00 ? 10 ASN A HB3  1 
ATOM   153 H HD21 . ASN A 1 10 ? 3.519   -7.626  -9.613  1.00 0.00 ? 10 ASN A HD21 1 
ATOM   154 H HD22 . ASN A 1 10 ? 2.676   -9.231  -9.905  1.00 0.00 ? 10 ASN A HD22 1 
ATOM   155 N N    . GLY A 1 11 ? 3.442   -6.277  -3.812  1.00 0.00 ? 11 GLY A N    1 
ATOM   156 C CA   . GLY A 1 11 ? 3.845   -5.277  -2.797  1.00 0.00 ? 11 GLY A CA   1 
ATOM   157 C C    . GLY A 1 11 ? 2.674   -4.341  -2.439  1.00 0.00 ? 11 GLY A C    1 
ATOM   158 O O    . GLY A 1 11 ? 2.067   -4.496  -1.376  1.00 0.00 ? 11 GLY A O    1 
ATOM   159 H H    . GLY A 1 11 ? 2.727   -6.986  -3.612  1.00 0.00 ? 11 GLY A H    1 
ATOM   160 H HA2  . GLY A 1 11 ? 4.170   -5.815  -1.888  1.00 0.00 ? 11 GLY A HA2  1 
ATOM   161 H HA3  . GLY A 1 11 ? 4.732   -4.689  -3.108  1.00 0.00 ? 11 GLY A HA3  1 
ATOM   162 N N    . SER A 1 12 ? 2.364   -3.392  -3.349  1.00 0.00 ? 12 SER A N    1 
ATOM   163 C CA   . SER A 1 12 ? 1.203   -2.466  -3.250  1.00 0.00 ? 12 SER A CA   1 
ATOM   164 C C    . SER A 1 12 ? 1.464   -1.281  -2.283  1.00 0.00 ? 12 SER A C    1 
ATOM   165 O O    . SER A 1 12 ? 1.879   -0.217  -2.750  1.00 0.00 ? 12 SER A O    1 
ATOM   166 C CB   . SER A 1 12 ? -0.177  -3.166  -3.152  1.00 0.00 ? 12 SER A CB   1 
ATOM   167 O OG   . SER A 1 12 ? -1.240  -2.233  -3.300  1.00 0.00 ? 12 SER A OG   1 
ATOM   168 H H    . SER A 1 12 ? 2.973   -3.390  -4.176  1.00 0.00 ? 12 SER A H    1 
ATOM   169 H HA   . SER A 1 12 ? 1.170   -2.000  -4.248  1.00 0.00 ? 12 SER A HA   1 
ATOM   170 H HB2  . SER A 1 12 ? -0.275  -3.943  -3.933  1.00 0.00 ? 12 SER A HB2  1 
ATOM   171 H HB3  . SER A 1 12 ? -0.278  -3.689  -2.188  1.00 0.00 ? 12 SER A HB3  1 
ATOM   172 H HG   . SER A 1 12 ? -2.051  -2.748  -3.257  1.00 0.00 ? 12 SER A HG   1 
ATOM   173 N N    . ASN A 1 13 ? 1.248   -1.460  -0.964  1.00 0.00 ? 13 ASN A N    1 
ATOM   174 C CA   . ASN A 1 13 ? 1.489   -0.393  0.042   1.00 0.00 ? 13 ASN A CA   1 
ATOM   175 C C    . ASN A 1 13 ? 2.995   -0.281  0.434   1.00 0.00 ? 13 ASN A C    1 
ATOM   176 O O    . ASN A 1 13 ? 3.757   -1.253  0.378   1.00 0.00 ? 13 ASN A O    1 
ATOM   177 C CB   . ASN A 1 13 ? 0.595   -0.650  1.292   1.00 0.00 ? 13 ASN A CB   1 
ATOM   178 C CG   . ASN A 1 13 ? 0.327   0.600   2.167   1.00 0.00 ? 13 ASN A CG   1 
ATOM   179 O OD1  . ASN A 1 13 ? 0.191   1.725   1.682   1.00 0.00 ? 13 ASN A OD1  1 
ATOM   180 N ND2  . ASN A 1 13 ? 0.223   0.430   3.470   1.00 0.00 ? 13 ASN A ND2  1 
ATOM   181 H H    . ASN A 1 13 ? 0.905   -2.391  -0.701  1.00 0.00 ? 13 ASN A H    1 
ATOM   182 H HA   . ASN A 1 13 ? 1.155   0.563   -0.412  1.00 0.00 ? 13 ASN A HA   1 
ATOM   183 H HB2  . ASN A 1 13 ? -0.395  -1.040  0.990   1.00 0.00 ? 13 ASN A HB2  1 
ATOM   184 H HB3  . ASN A 1 13 ? 1.031   -1.471  1.899   1.00 0.00 ? 13 ASN A HB3  1 
ATOM   185 H HD21 . ASN A 1 13 ? 0.338   -0.527  3.820   1.00 0.00 ? 13 ASN A HD21 1 
ATOM   186 H HD22 . ASN A 1 13 ? 0.049   1.272   4.029   1.00 0.00 ? 13 ASN A HD22 1 
ATOM   187 N N    . ILE A 1 14 ? 3.382   0.920   0.897   1.00 0.00 ? 14 ILE A N    1 
ATOM   188 C CA   . ILE A 1 14 ? 4.717   1.173   1.526   1.00 0.00 ? 14 ILE A CA   1 
ATOM   189 C C    . ILE A 1 14 ? 5.035   0.436   2.881   1.00 0.00 ? 14 ILE A C    1 
ATOM   190 O O    . ILE A 1 14 ? 6.200   0.456   3.291   1.00 0.00 ? 14 ILE A O    1 
ATOM   191 C CB   . ILE A 1 14 ? 5.027   2.716   1.594   1.00 0.00 ? 14 ILE A CB   1 
ATOM   192 C CG1  . ILE A 1 14 ? 3.963   3.645   2.257   1.00 0.00 ? 14 ILE A CG1  1 
ATOM   193 C CG2  . ILE A 1 14 ? 5.382   3.279   0.195   1.00 0.00 ? 14 ILE A CG2  1 
ATOM   194 C CD1  . ILE A 1 14 ? 3.690   3.414   3.750   1.00 0.00 ? 14 ILE A CD1  1 
ATOM   195 H H    . ILE A 1 14 ? 2.640   1.629   0.912   1.00 0.00 ? 14 ILE A H    1 
ATOM   196 H HA   . ILE A 1 14 ? 5.467   0.743   0.833   1.00 0.00 ? 14 ILE A HA   1 
ATOM   197 H HB   . ILE A 1 14 ? 5.958   2.843   2.181   1.00 0.00 ? 14 ILE A HB   1 
ATOM   198 H HG12 . ILE A 1 14 ? 4.293   4.694   2.152   1.00 0.00 ? 14 ILE A HG12 1 
ATOM   199 H HG13 . ILE A 1 14 ? 3.005   3.595   1.704   1.00 0.00 ? 14 ILE A HG13 1 
ATOM   200 H HG21 . ILE A 1 14 ? 6.221   2.725   -0.266  1.00 0.00 ? 14 ILE A HG21 1 
ATOM   201 H HG22 . ILE A 1 14 ? 4.529   3.220   -0.504  1.00 0.00 ? 14 ILE A HG22 1 
ATOM   202 H HG23 . ILE A 1 14 ? 5.695   4.340   0.242   1.00 0.00 ? 14 ILE A HG23 1 
ATOM   203 H HD11 . ILE A 1 14 ? 3.177   2.455   3.929   1.00 0.00 ? 14 ILE A HD11 1 
ATOM   204 H HD12 . ILE A 1 14 ? 4.623   3.417   4.345   1.00 0.00 ? 14 ILE A HD12 1 
ATOM   205 H HD13 . ILE A 1 14 ? 3.039   4.207   4.160   1.00 0.00 ? 14 ILE A HD13 1 
ATOM   206 N N    . THR A 1 15 ? 4.063   -0.229  3.547   1.00 0.00 ? 15 THR A N    1 
ATOM   207 C CA   . THR A 1 15 ? 4.312   -1.068  4.754   1.00 0.00 ? 15 THR A CA   1 
ATOM   208 C C    . THR A 1 15 ? 4.912   -2.463  4.337   1.00 0.00 ? 15 THR A C    1 
ATOM   209 O O    . THR A 1 15 ? 4.220   -3.183  3.607   1.00 0.00 ? 15 THR A O    1 
ATOM   210 C CB   . THR A 1 15 ? 3.024   -1.251  5.613   1.00 0.00 ? 15 THR A CB   1 
ATOM   211 O OG1  . THR A 1 15 ? 1.952   -1.796  4.847   1.00 0.00 ? 15 THR A OG1  1 
ATOM   212 C CG2  . THR A 1 15 ? 2.524   0.023   6.317   1.00 0.00 ? 15 THR A CG2  1 
ATOM   213 H H    . THR A 1 15 ? 3.137   -0.185  3.106   1.00 0.00 ? 15 THR A H    1 
ATOM   214 H HA   . THR A 1 15 ? 5.017   -0.523  5.407   1.00 0.00 ? 15 THR A HA   1 
ATOM   215 H HB   . THR A 1 15 ? 3.259   -1.972  6.417   1.00 0.00 ? 15 THR A HB   1 
ATOM   216 H HG1  . THR A 1 15 ? 1.234   -1.944  5.468   1.00 0.00 ? 15 THR A HG1  1 
ATOM   217 H HG21 . THR A 1 15 ? 1.640   -0.192  6.943   1.00 0.00 ? 15 THR A HG21 1 
ATOM   218 H HG22 . THR A 1 15 ? 3.297   0.451   6.982   1.00 0.00 ? 15 THR A HG22 1 
ATOM   219 H HG23 . THR A 1 15 ? 2.233   0.808   5.596   1.00 0.00 ? 15 THR A HG23 1 
ATOM   220 N N    . PRO A 1 16 ? 6.142   -2.898  4.756   1.00 0.00 ? 16 PRO A N    1 
ATOM   221 C CA   . PRO A 1 16 ? 6.739   -4.197  4.326   1.00 0.00 ? 16 PRO A CA   1 
ATOM   222 C C    . PRO A 1 16 ? 5.978   -5.497  4.762   1.00 0.00 ? 16 PRO A C    1 
ATOM   223 O O    . PRO A 1 16 ? 5.382   -5.465  5.841   1.00 0.00 ? 16 PRO A O    1 
ATOM   224 C CB   . PRO A 1 16 ? 8.142   -4.167  4.970   1.00 0.00 ? 16 PRO A CB   1 
ATOM   225 C CG   . PRO A 1 16 ? 8.456   -2.691  5.192   1.00 0.00 ? 16 PRO A CG   1 
ATOM   226 C CD   . PRO A 1 16 ? 7.099   -2.071  5.518   1.00 0.00 ? 16 PRO A CD   1 
ATOM   227 H HA   . PRO A 1 16 ? 6.861   -4.148  3.229   1.00 0.00 ? 16 PRO A HA   1 
ATOM   228 H HB2  . PRO A 1 16 ? 8.159   -4.684  5.951   1.00 0.00 ? 16 PRO A HB2  1 
ATOM   229 H HB3  . PRO A 1 16 ? 8.903   -4.664  4.340   1.00 0.00 ? 16 PRO A HB3  1 
ATOM   230 H HG2  . PRO A 1 16 ? 9.199   -2.529  5.996   1.00 0.00 ? 16 PRO A HG2  1 
ATOM   231 H HG3  . PRO A 1 16 ? 8.871   -2.244  4.268   1.00 0.00 ? 16 PRO A HG3  1 
ATOM   232 H HD2  . PRO A 1 16 ? 6.875   -2.131  6.600   1.00 0.00 ? 16 PRO A HD2  1 
ATOM   233 H HD3  . PRO A 1 16 ? 7.100   -1.005  5.229   1.00 0.00 ? 16 PRO A HD3  1 
ATOM   234 N N    . PRO A 1 17 ? 6.004   -6.651  4.032   1.00 0.00 ? 17 PRO A N    1 
ATOM   235 C CA   . PRO A 1 17 ? 5.396   -7.929  4.509   1.00 0.00 ? 17 PRO A CA   1 
ATOM   236 C C    . PRO A 1 17 ? 6.076   -8.590  5.748   1.00 0.00 ? 17 PRO A C    1 
ATOM   237 O O    . PRO A 1 17 ? 7.305   -8.716  5.795   1.00 0.00 ? 17 PRO A O    1 
ATOM   238 C CB   . PRO A 1 17 ? 5.507   -8.847  3.271   1.00 0.00 ? 17 PRO A CB   1 
ATOM   239 C CG   . PRO A 1 17 ? 5.641   -7.911  2.073   1.00 0.00 ? 17 PRO A CG   1 
ATOM   240 C CD   . PRO A 1 17 ? 6.414   -6.710  2.616   1.00 0.00 ? 17 PRO A CD   1 
ATOM   241 H HA   . PRO A 1 17 ? 4.321   -7.748  4.702   1.00 0.00 ? 17 PRO A HA   1 
ATOM   242 H HB2  . PRO A 1 17 ? 6.405   -9.497  3.314   1.00 0.00 ? 17 PRO A HB2  1 
ATOM   243 H HB3  . PRO A 1 17 ? 4.638   -9.523  3.174   1.00 0.00 ? 17 PRO A HB3  1 
ATOM   244 H HG2  . PRO A 1 17 ? 6.150   -8.390  1.215   1.00 0.00 ? 17 PRO A HG2  1 
ATOM   245 H HG3  . PRO A 1 17 ? 4.640   -7.596  1.721   1.00 0.00 ? 17 PRO A HG3  1 
ATOM   246 H HD2  . PRO A 1 17 ? 7.507   -6.860  2.540   1.00 0.00 ? 17 PRO A HD2  1 
ATOM   247 H HD3  . PRO A 1 17 ? 6.149   -5.805  2.040   1.00 0.00 ? 17 PRO A HD3  1 
ATOM   248 N N    . CYS A 1 18 ? 5.258   -9.066  6.704   1.00 0.00 ? 18 CYS A N    1 
ATOM   249 C CA   . CYS A 1 18 ? 5.684   -10.108 7.681   1.00 0.00 ? 18 CYS A CA   1 
ATOM   250 C C    . CYS A 1 18 ? 4.492   -11.102 7.798   1.00 0.00 ? 18 CYS A C    1 
ATOM   251 O O    . CYS A 1 18 ? 3.482   -10.803 8.447   1.00 0.00 ? 18 CYS A O    1 
ATOM   252 C CB   . CYS A 1 18 ? 6.091   -9.553  9.070   1.00 0.00 ? 18 CYS A CB   1 
ATOM   253 S SG   . CYS A 1 18 ? 7.256   -8.179  8.981   1.00 0.00 ? 18 CYS A SG   1 
ATOM   254 H H    . CYS A 1 18 ? 4.265   -8.876  6.537   1.00 0.00 ? 18 CYS A H    1 
ATOM   255 H HA   . CYS A 1 18 ? 6.570   -10.646 7.290   1.00 0.00 ? 18 CYS A HA   1 
ATOM   256 H HB2  . CYS A 1 18 ? 5.216   -9.201  9.640   1.00 0.00 ? 18 CYS A HB2  1 
ATOM   257 H HB3  . CYS A 1 18 ? 6.538   -10.355 9.686   1.00 0.00 ? 18 CYS A HB3  1 
ATOM   258 N N    . GLU A 1 19 ? 4.603   -12.269 7.132   1.00 0.00 ? 19 GLU A N    1 
ATOM   259 C CA   . GLU A 1 19 ? 3.506   -13.274 7.056   1.00 0.00 ? 19 GLU A CA   1 
ATOM   260 C C    . GLU A 1 19 ? 3.991   -14.574 7.751   1.00 0.00 ? 19 GLU A C    1 
ATOM   261 O O    . GLU A 1 19 ? 4.892   -15.255 7.250   1.00 0.00 ? 19 GLU A O    1 
ATOM   262 C CB   . GLU A 1 19 ? 3.105   -13.477 5.565   1.00 0.00 ? 19 GLU A CB   1 
ATOM   263 C CG   . GLU A 1 19 ? 1.798   -14.261 5.294   1.00 0.00 ? 19 GLU A CG   1 
ATOM   264 C CD   . GLU A 1 19 ? 1.860   -15.776 5.533   1.00 0.00 ? 19 GLU A CD   1 
ATOM   265 O OE1  . GLU A 1 19 ? 2.633   -16.470 4.835   1.00 0.00 ? 19 GLU A OE1  1 
ATOM   266 O OE2  . GLU A 1 19 ? 1.134   -16.279 6.419   1.00 0.00 ? 19 GLU A OE2  1 
ATOM   267 H H    . GLU A 1 19 ? 5.486   -12.394 6.626   1.00 0.00 ? 19 GLU A H    1 
ATOM   268 H HA   . GLU A 1 19 ? 2.600   -12.892 7.568   1.00 0.00 ? 19 GLU A HA   1 
ATOM   269 H HB2  . GLU A 1 19 ? 2.965   -12.480 5.102   1.00 0.00 ? 19 GLU A HB2  1 
ATOM   270 H HB3  . GLU A 1 19 ? 3.940   -13.929 4.993   1.00 0.00 ? 19 GLU A HB3  1 
ATOM   271 H HG2  . GLU A 1 19 ? 0.973   -13.822 5.884   1.00 0.00 ? 19 GLU A HG2  1 
ATOM   272 H HG3  . GLU A 1 19 ? 1.504   -14.102 4.239   1.00 0.00 ? 19 GLU A HG3  1 
ATOM   273 N N    . LEU A 1 20 ? 3.356   -14.915 8.887   1.00 0.00 ? 20 LEU A N    1 
ATOM   274 C CA   . LEU A 1 20 ? 3.616   -16.182 9.620   1.00 0.00 ? 20 LEU A CA   1 
ATOM   275 C C    . LEU A 1 20 ? 2.412   -17.146 9.417   1.00 0.00 ? 20 LEU A C    1 
ATOM   276 O O    . LEU A 1 20 ? 1.262   -16.796 9.704   1.00 0.00 ? 20 LEU A O    1 
ATOM   277 C CB   . LEU A 1 20 ? 3.882   -15.854 11.118  1.00 0.00 ? 20 LEU A CB   1 
ATOM   278 C CG   . LEU A 1 20 ? 4.294   -17.042 12.036  1.00 0.00 ? 20 LEU A CG   1 
ATOM   279 C CD1  . LEU A 1 20 ? 5.628   -17.704 11.627  1.00 0.00 ? 20 LEU A CD1  1 
ATOM   280 C CD2  . LEU A 1 20 ? 4.360   -16.594 13.508  1.00 0.00 ? 20 LEU A CD2  1 
ATOM   281 H H    . LEU A 1 20 ? 2.629   -14.258 9.188   1.00 0.00 ? 20 LEU A H    1 
ATOM   282 H HA   . LEU A 1 20 ? 4.541   -16.650 9.227   1.00 0.00 ? 20 LEU A HA   1 
ATOM   283 H HB2  . LEU A 1 20 ? 4.669   -15.077 11.186  1.00 0.00 ? 20 LEU A HB2  1 
ATOM   284 H HB3  . LEU A 1 20 ? 2.978   -15.374 11.542  1.00 0.00 ? 20 LEU A HB3  1 
ATOM   285 H HG   . LEU A 1 20 ? 3.507   -17.815 11.972  1.00 0.00 ? 20 LEU A HG   1 
ATOM   286 H HD11 . LEU A 1 20 ? 5.905   -18.527 12.314  1.00 0.00 ? 20 LEU A HD11 1 
ATOM   287 H HD12 . LEU A 1 20 ? 5.570   -18.151 10.618  1.00 0.00 ? 20 LEU A HD12 1 
ATOM   288 H HD13 . LEU A 1 20 ? 6.468   -16.983 11.621  1.00 0.00 ? 20 LEU A HD13 1 
ATOM   289 H HD21 . LEU A 1 20 ? 5.134   -15.820 13.673  1.00 0.00 ? 20 LEU A HD21 1 
ATOM   290 H HD22 . LEU A 1 20 ? 3.396   -16.172 13.849  1.00 0.00 ? 20 LEU A HD22 1 
ATOM   291 H HD23 . LEU A 1 20 ? 4.592   -17.440 14.182  1.00 0.00 ? 20 LEU A HD23 1 
ATOM   292 N N    . GLY A 1 21 ? 2.705   -18.380 8.968   1.00 0.00 ? 21 GLY A N    1 
ATOM   293 C CA   . GLY A 1 21 ? 1.691   -19.461 8.828   1.00 0.00 ? 21 GLY A CA   1 
ATOM   294 C C    . GLY A 1 21 ? 0.920   -19.922 10.095  1.00 0.00 ? 21 GLY A C    1 
ATOM   295 O O    . GLY A 1 21 ? -0.274  -20.219 9.994   1.00 0.00 ? 21 GLY A O    1 
ATOM   296 H H    . GLY A 1 21 ? 3.701   -18.548 8.788   1.00 0.00 ? 21 GLY A H    1 
ATOM   297 H HA2  . GLY A 1 21 ? 0.961   -19.157 8.056   1.00 0.00 ? 21 GLY A HA2  1 
ATOM   298 H HA3  . GLY A 1 21 ? 2.196   -20.345 8.399   1.00 0.00 ? 21 GLY A HA3  1 
ATOM   299 N N    . LEU A 1 22 ? 1.581   -19.955 11.272  1.00 0.00 ? 22 LEU A N    1 
ATOM   300 C CA   . LEU A 1 22 ? 0.925   -20.179 12.595  1.00 0.00 ? 22 LEU A CA   1 
ATOM   301 C C    . LEU A 1 22 ? -0.258  -19.207 12.927  1.00 0.00 ? 22 LEU A C    1 
ATOM   302 O O    . LEU A 1 22 ? -1.335  -19.681 13.300  1.00 0.00 ? 22 LEU A O    1 
ATOM   303 C CB   . LEU A 1 22 ? 2.048   -20.158 13.678  1.00 0.00 ? 22 LEU A CB   1 
ATOM   304 C CG   . LEU A 1 22 ? 1.662   -20.554 15.132  1.00 0.00 ? 22 LEU A CG   1 
ATOM   305 C CD1  . LEU A 1 22 ? 1.217   -22.024 15.260  1.00 0.00 ? 22 LEU A CD1  1 
ATOM   306 C CD2  . LEU A 1 22 ? 2.834   -20.272 16.093  1.00 0.00 ? 22 LEU A CD2  1 
ATOM   307 H H    . LEU A 1 22 ? 2.569   -19.681 11.208  1.00 0.00 ? 22 LEU A H    1 
ATOM   308 H HA   . LEU A 1 22 ? 0.513   -21.205 12.567  1.00 0.00 ? 22 LEU A HA   1 
ATOM   309 H HB2  . LEU A 1 22 ? 2.885   -20.812 13.358  1.00 0.00 ? 22 LEU A HB2  1 
ATOM   310 H HB3  . LEU A 1 22 ? 2.485   -19.141 13.699  1.00 0.00 ? 22 LEU A HB3  1 
ATOM   311 H HG   . LEU A 1 22 ? 0.820   -19.915 15.459  1.00 0.00 ? 22 LEU A HG   1 
ATOM   312 H HD11 . LEU A 1 22 ? 0.315   -22.231 14.654  1.00 0.00 ? 22 LEU A HD11 1 
ATOM   313 H HD12 . LEU A 1 22 ? 2.004   -22.728 14.928  1.00 0.00 ? 22 LEU A HD12 1 
ATOM   314 H HD13 . LEU A 1 22 ? 0.960   -22.284 16.303  1.00 0.00 ? 22 LEU A HD13 1 
ATOM   315 H HD21 . LEU A 1 22 ? 3.130   -19.206 16.071  1.00 0.00 ? 22 LEU A HD21 1 
ATOM   316 H HD22 . LEU A 1 22 ? 2.572   -20.506 17.142  1.00 0.00 ? 22 LEU A HD22 1 
ATOM   317 H HD23 . LEU A 1 22 ? 3.735   -20.865 15.840  1.00 0.00 ? 22 LEU A HD23 1 
ATOM   318 N N    . GLU A 1 23 ? -0.070  -17.883 12.747  1.00 0.00 ? 23 GLU A N    1 
ATOM   319 C CA   . GLU A 1 23 ? -1.167  -16.882 12.824  1.00 0.00 ? 23 GLU A CA   1 
ATOM   320 C C    . GLU A 1 23 ? -2.104  -16.973 11.578  1.00 0.00 ? 23 GLU A C    1 
ATOM   321 O O    . GLU A 1 23 ? -1.643  -17.055 10.434  1.00 0.00 ? 23 GLU A O    1 
ATOM   322 C CB   . GLU A 1 23 ? -0.505  -15.481 12.965  1.00 0.00 ? 23 GLU A CB   1 
ATOM   323 C CG   . GLU A 1 23 ? -1.447  -14.258 13.069  1.00 0.00 ? 23 GLU A CG   1 
ATOM   324 C CD   . GLU A 1 23 ? -2.301  -14.202 14.337  1.00 0.00 ? 23 GLU A CD   1 
ATOM   325 O OE1  . GLU A 1 23 ? -1.780  -13.794 15.399  1.00 0.00 ? 23 GLU A OE1  1 
ATOM   326 O OE2  . GLU A 1 23 ? -3.499  -14.557 14.274  1.00 0.00 ? 23 GLU A OE2  1 
ATOM   327 H H    . GLU A 1 23 ? 0.870   -17.623 12.432  1.00 0.00 ? 23 GLU A H    1 
ATOM   328 H HA   . GLU A 1 23 ? -1.742  -17.072 13.753  1.00 0.00 ? 23 GLU A HA   1 
ATOM   329 H HB2  . GLU A 1 23 ? 0.166   -15.472 13.846  1.00 0.00 ? 23 GLU A HB2  1 
ATOM   330 H HB3  . GLU A 1 23 ? 0.169   -15.308 12.104  1.00 0.00 ? 23 GLU A HB3  1 
ATOM   331 H HG2  . GLU A 1 23 ? -0.851  -13.331 13.006  1.00 0.00 ? 23 GLU A HG2  1 
ATOM   332 H HG3  . GLU A 1 23 ? -2.101  -14.224 12.179  1.00 0.00 ? 23 GLU A HG3  1 
ATOM   333 N N    . ASN A 1 24 ? -3.426  -16.925 11.831  1.00 0.00 ? 24 ASN A N    1 
ATOM   334 C CA   . ASN A 1 24 ? -4.466  -16.958 10.761  1.00 0.00 ? 24 ASN A CA   1 
ATOM   335 C C    . ASN A 1 24 ? -4.604  -15.572 10.059  1.00 0.00 ? 24 ASN A C    1 
ATOM   336 O O    . ASN A 1 24 ? -4.216  -15.462 8.891   1.00 0.00 ? 24 ASN A O    1 
ATOM   337 C CB   . ASN A 1 24 ? -5.817  -17.510 11.303  1.00 0.00 ? 24 ASN A CB   1 
ATOM   338 C CG   . ASN A 1 24 ? -5.809  -18.996 11.721  1.00 0.00 ? 24 ASN A CG   1 
ATOM   339 O OD1  . ASN A 1 24 ? -5.706  -19.894 10.885  1.00 0.00 ? 24 ASN A OD1  1 
ATOM   340 N ND2  . ASN A 1 24 ? -5.921  -19.283 13.010  1.00 0.00 ? 24 ASN A ND2  1 
ATOM   341 H H    . ASN A 1 24 ? -3.674  -16.845 12.824  1.00 0.00 ? 24 ASN A H    1 
ATOM   342 H HA   . ASN A 1 24 ? -4.136  -17.675 9.981   1.00 0.00 ? 24 ASN A HA   1 
ATOM   343 H HB2  . ASN A 1 24 ? -6.184  -16.867 12.130  1.00 0.00 ? 24 ASN A HB2  1 
ATOM   344 H HB3  . ASN A 1 24 ? -6.587  -17.406 10.516  1.00 0.00 ? 24 ASN A HB3  1 
ATOM   345 H HD21 . ASN A 1 24 ? -6.007  -18.486 13.650  1.00 0.00 ? 24 ASN A HD21 1 
ATOM   346 H HD22 . ASN A 1 24 ? -5.930  -20.278 13.260  1.00 0.00 ? 24 ASN A HD22 1 
ATOM   347 N N    . GLU A 1 25 ? -5.104  -14.524 10.757  1.00 0.00 ? 25 GLU A N    1 
ATOM   348 C CA   . GLU A 1 25 ? -5.125  -13.135 10.227  1.00 0.00 ? 25 GLU A CA   1 
ATOM   349 C C    . GLU A 1 25 ? -3.753  -12.468 10.522  1.00 0.00 ? 25 GLU A C    1 
ATOM   350 O O    . GLU A 1 25 ? -3.479  -12.063 11.657  1.00 0.00 ? 25 GLU A O    1 
ATOM   351 C CB   . GLU A 1 25 ? -6.330  -12.365 10.841  1.00 0.00 ? 25 GLU A CB   1 
ATOM   352 C CG   . GLU A 1 25 ? -6.500  -10.881 10.431  1.00 0.00 ? 25 GLU A CG   1 
ATOM   353 C CD   . GLU A 1 25 ? -6.718  -10.638 8.934   1.00 0.00 ? 25 GLU A CD   1 
ATOM   354 O OE1  . GLU A 1 25 ? -7.864  -10.789 8.456   1.00 0.00 ? 25 GLU A OE1  1 
ATOM   355 O OE2  . GLU A 1 25 ? -5.744  -10.297 8.228   1.00 0.00 ? 25 GLU A OE2  1 
ATOM   356 H H    . GLU A 1 25 ? -5.387  -14.743 11.718  1.00 0.00 ? 25 GLU A H    1 
ATOM   357 H HA   . GLU A 1 25 ? -5.306  -13.167 9.134   1.00 0.00 ? 25 GLU A HA   1 
ATOM   358 H HB2  . GLU A 1 25 ? -7.268  -12.900 10.598  1.00 0.00 ? 25 GLU A HB2  1 
ATOM   359 H HB3  . GLU A 1 25 ? -6.266  -12.400 11.946  1.00 0.00 ? 25 GLU A HB3  1 
ATOM   360 H HG2  . GLU A 1 25 ? -7.355  -10.450 10.985  1.00 0.00 ? 25 GLU A HG2  1 
ATOM   361 H HG3  . GLU A 1 25 ? -5.625  -10.294 10.772  1.00 0.00 ? 25 GLU A HG3  1 
ATOM   362 N N    . THR A 1 26 ? -2.905  -12.370 9.480   1.00 0.00 ? 26 THR A N    1 
ATOM   363 C CA   . THR A 1 26 ? -1.519  -11.841 9.614   1.00 0.00 ? 26 THR A CA   1 
ATOM   364 C C    . THR A 1 26 ? -1.518  -10.302 9.400   1.00 0.00 ? 26 THR A C    1 
ATOM   365 O O    . THR A 1 26 ? -1.337  -9.802  8.284   1.00 0.00 ? 26 THR A O    1 
ATOM   366 C CB   . THR A 1 26 ? -0.516  -12.583 8.678   1.00 0.00 ? 26 THR A CB   1 
ATOM   367 O OG1  . THR A 1 26 ? -0.923  -12.517 7.313   1.00 0.00 ? 26 THR A OG1  1 
ATOM   368 C CG2  . THR A 1 26 ? -0.280  -14.059 9.042   1.00 0.00 ? 26 THR A CG2  1 
ATOM   369 H H    . THR A 1 26 ? -3.261  -12.746 8.595   1.00 0.00 ? 26 THR A H    1 
ATOM   370 H HA   . THR A 1 26 ? -1.149  -12.047 10.640  1.00 0.00 ? 26 THR A HA   1 
ATOM   371 H HB   . THR A 1 26 ? 0.468   -12.081 8.759   1.00 0.00 ? 26 THR A HB   1 
ATOM   372 H HG1  . THR A 1 26 ? -0.223  -12.937 6.808   1.00 0.00 ? 26 THR A HG1  1 
ATOM   373 H HG21 . THR A 1 26 ? 0.120   -14.163 10.068  1.00 0.00 ? 26 THR A HG21 1 
ATOM   374 H HG22 . THR A 1 26 ? -1.208  -14.658 8.985   1.00 0.00 ? 26 THR A HG22 1 
ATOM   375 H HG23 . THR A 1 26 ? 0.453   -14.525 8.361   1.00 0.00 ? 26 THR A HG23 1 
ATOM   376 N N    . LEU A 1 27 ? -1.709  -9.568  10.509  1.00 0.00 ? 27 LEU A N    1 
ATOM   377 C CA   . LEU A 1 27 ? -1.522  -8.087  10.561  1.00 0.00 ? 27 LEU A CA   1 
ATOM   378 C C    . LEU A 1 27 ? -0.130  -7.623  11.122  1.00 0.00 ? 27 LEU A C    1 
ATOM   379 O O    . LEU A 1 27 ? -0.023  -6.520  11.668  1.00 0.00 ? 27 LEU A O    1 
ATOM   380 C CB   . LEU A 1 27 ? -2.762  -7.445  11.264  1.00 0.00 ? 27 LEU A CB   1 
ATOM   381 C CG   . LEU A 1 27 ? -3.226  -7.954  12.667  1.00 0.00 ? 27 LEU A CG   1 
ATOM   382 C CD1  . LEU A 1 27 ? -2.190  -7.753  13.791  1.00 0.00 ? 27 LEU A CD1  1 
ATOM   383 C CD2  . LEU A 1 27 ? -4.561  -7.293  13.065  1.00 0.00 ? 27 LEU A CD2  1 
ATOM   384 H H    . LEU A 1 27 ? -1.844  -10.118 11.364  1.00 0.00 ? 27 LEU A H    1 
ATOM   385 H HA   . LEU A 1 27 ? -1.545  -7.679  9.531   1.00 0.00 ? 27 LEU A HA   1 
ATOM   386 H HB2  . LEU A 1 27 ? -2.620  -6.348  11.306  1.00 0.00 ? 27 LEU A HB2  1 
ATOM   387 H HB3  . LEU A 1 27 ? -3.615  -7.567  10.568  1.00 0.00 ? 27 LEU A HB3  1 
ATOM   388 H HG   . LEU A 1 27 ? -3.423  -9.040  12.592  1.00 0.00 ? 27 LEU A HG   1 
ATOM   389 H HD11 . LEU A 1 27 ? -2.572  -8.098  14.770  1.00 0.00 ? 27 LEU A HD11 1 
ATOM   390 H HD12 . LEU A 1 27 ? -1.265  -8.327  13.601  1.00 0.00 ? 27 LEU A HD12 1 
ATOM   391 H HD13 . LEU A 1 27 ? -1.902  -6.690  13.905  1.00 0.00 ? 27 LEU A HD13 1 
ATOM   392 H HD21 . LEU A 1 27 ? -5.349  -7.480  12.313  1.00 0.00 ? 27 LEU A HD21 1 
ATOM   393 H HD22 . LEU A 1 27 ? -4.942  -7.688  14.026  1.00 0.00 ? 27 LEU A HD22 1 
ATOM   394 H HD23 . LEU A 1 27 ? -4.465  -6.196  13.175  1.00 0.00 ? 27 LEU A HD23 1 
ATOM   395 N N    . PHE A 1 28 ? 0.942   -8.426  10.939  1.00 0.00 ? 28 PHE A N    1 
ATOM   396 C CA   . PHE A 1 28 ? 2.312   -8.093  11.404  1.00 0.00 ? 28 PHE A CA   1 
ATOM   397 C C    . PHE A 1 28 ? 3.031   -7.333  10.256  1.00 0.00 ? 28 PHE A C    1 
ATOM   398 O O    . PHE A 1 28 ? 3.166   -7.870  9.150   1.00 0.00 ? 28 PHE A O    1 
ATOM   399 C CB   . PHE A 1 28 ? 3.120   -9.367  11.796  1.00 0.00 ? 28 PHE A CB   1 
ATOM   400 C CG   . PHE A 1 28 ? 2.516   -10.340 12.830  1.00 0.00 ? 28 PHE A CG   1 
ATOM   401 C CD1  . PHE A 1 28 ? 2.126   -9.898  14.101  1.00 0.00 ? 28 PHE A CD1  1 
ATOM   402 C CD2  . PHE A 1 28 ? 2.394   -11.698 12.512  1.00 0.00 ? 28 PHE A CD2  1 
ATOM   403 C CE1  . PHE A 1 28 ? 1.611   -10.801 15.030  1.00 0.00 ? 28 PHE A CE1  1 
ATOM   404 C CE2  . PHE A 1 28 ? 1.895   -12.599 13.449  1.00 0.00 ? 28 PHE A CE2  1 
ATOM   405 C CZ   . PHE A 1 28 ? 1.497   -12.149 14.704  1.00 0.00 ? 28 PHE A CZ   1 
ATOM   406 H H    . PHE A 1 28 ? 0.735   -9.315  10.469  1.00 0.00 ? 28 PHE A H    1 
ATOM   407 H HA   . PHE A 1 28 ? 2.251   -7.458  12.311  1.00 0.00 ? 28 PHE A HA   1 
ATOM   408 H HB2  . PHE A 1 28 ? 3.367   -9.928  10.874  1.00 0.00 ? 28 PHE A HB2  1 
ATOM   409 H HB3  . PHE A 1 28 ? 4.108   -9.046  12.177  1.00 0.00 ? 28 PHE A HB3  1 
ATOM   410 H HD1  . PHE A 1 28 ? 2.218   -8.856  14.373  1.00 0.00 ? 28 PHE A HD1  1 
ATOM   411 H HD2  . PHE A 1 28 ? 2.691   -12.068 11.540  1.00 0.00 ? 28 PHE A HD2  1 
ATOM   412 H HE1  . PHE A 1 28 ? 1.304   -10.452 16.007  1.00 0.00 ? 28 PHE A HE1  1 
ATOM   413 H HE2  . PHE A 1 28 ? 1.816   -13.646 13.199  1.00 0.00 ? 28 PHE A HE2  1 
ATOM   414 H HZ   . PHE A 1 28 ? 1.098   -12.847 15.426  1.00 0.00 ? 28 PHE A HZ   1 
ATOM   415 N N    . CYS A 1 29 ? 3.464   -6.085  10.526  1.00 0.00 ? 29 CYS A N    1 
ATOM   416 C CA   . CYS A 1 29 ? 4.112   -5.185  9.527   1.00 0.00 ? 29 CYS A CA   1 
ATOM   417 C C    . CYS A 1 29 ? 3.113   -4.580  8.485   1.00 0.00 ? 29 CYS A C    1 
ATOM   418 O O    . CYS A 1 29 ? 2.847   -3.376  8.520   1.00 0.00 ? 29 CYS A O    1 
ATOM   419 C CB   . CYS A 1 29 ? 5.400   -5.746  8.866   1.00 0.00 ? 29 CYS A CB   1 
ATOM   420 S SG   . CYS A 1 29 ? 6.483   -6.634  9.997   1.00 0.00 ? 29 CYS A SG   1 
ATOM   421 H H    . CYS A 1 29 ? 3.278   -5.772  11.485  1.00 0.00 ? 29 CYS A H    1 
ATOM   422 H HA   . CYS A 1 29 ? 4.468   -4.331  10.132  1.00 0.00 ? 29 CYS A HA   1 
ATOM   423 H HB2  . CYS A 1 29 ? 5.135   -6.468  8.075   1.00 0.00 ? 29 CYS A HB2  1 
ATOM   424 H HB3  . CYS A 1 29 ? 5.975   -4.940  8.373   1.00 0.00 ? 29 CYS A HB3  1 
ATOM   425 N N    . LEU A 1 30 ? 2.577   -5.417  7.572   1.00 0.00 ? 30 LEU A N    1 
ATOM   426 C CA   . LEU A 1 30 ? 1.687   -5.000  6.460   1.00 0.00 ? 30 LEU A CA   1 
ATOM   427 C C    . LEU A 1 30 ? 0.210   -4.896  6.938   1.00 0.00 ? 30 LEU A C    1 
ATOM   428 O O    . LEU A 1 30 ? -0.344  -5.834  7.521   1.00 0.00 ? 30 LEU A O    1 
ATOM   429 C CB   . LEU A 1 30 ? 1.926   -6.009  5.296   1.00 0.00 ? 30 LEU A CB   1 
ATOM   430 C CG   . LEU A 1 30 ? 1.094   -5.836  3.990   1.00 0.00 ? 30 LEU A CG   1 
ATOM   431 C CD1  . LEU A 1 30 ? 1.944   -6.067  2.725   1.00 0.00 ? 30 LEU A CD1  1 
ATOM   432 C CD2  . LEU A 1 30 ? -0.120  -6.788  3.965   1.00 0.00 ? 30 LEU A CD2  1 
ATOM   433 H H    . LEU A 1 30 ? 2.886   -6.392  7.665   1.00 0.00 ? 30 LEU A H    1 
ATOM   434 H HA   . LEU A 1 30 ? 2.038   -4.018  6.089   1.00 0.00 ? 30 LEU A HA   1 
ATOM   435 H HB2  . LEU A 1 30 ? 2.997   -5.921  5.033   1.00 0.00 ? 30 LEU A HB2  1 
ATOM   436 H HB3  . LEU A 1 30 ? 1.833   -7.052  5.663   1.00 0.00 ? 30 LEU A HB3  1 
ATOM   437 H HG   . LEU A 1 30 ? 0.721   -4.795  3.938   1.00 0.00 ? 30 LEU A HG   1 
ATOM   438 H HD11 . LEU A 1 30 ? 2.356   -7.094  2.683   1.00 0.00 ? 30 LEU A HD11 1 
ATOM   439 H HD12 . LEU A 1 30 ? 1.357   -5.910  1.800   1.00 0.00 ? 30 LEU A HD12 1 
ATOM   440 H HD13 . LEU A 1 30 ? 2.803   -5.371  2.677   1.00 0.00 ? 30 LEU A HD13 1 
ATOM   441 H HD21 . LEU A 1 30 ? -0.756  -6.621  3.076   1.00 0.00 ? 30 LEU A HD21 1 
ATOM   442 H HD22 . LEU A 1 30 ? 0.187   -7.851  3.950   1.00 0.00 ? 30 LEU A HD22 1 
ATOM   443 H HD23 . LEU A 1 30 ? -0.767  -6.657  4.850   1.00 0.00 ? 30 LEU A HD23 1 
ATOM   444 N N    . ASP A 1 31 ? -0.410  -3.734  6.656   1.00 0.00 ? 31 ASP A N    1 
ATOM   445 C CA   . ASP A 1 31 ? -1.819  -3.430  7.056   1.00 0.00 ? 31 ASP A CA   1 
ATOM   446 C C    . ASP A 1 31 ? -2.986  -3.936  6.137   1.00 0.00 ? 31 ASP A C    1 
ATOM   447 O O    . ASP A 1 31 ? -4.144  -3.656  6.462   1.00 0.00 ? 31 ASP A O    1 
ATOM   448 C CB   . ASP A 1 31 ? -1.931  -1.901  7.342   1.00 0.00 ? 31 ASP A CB   1 
ATOM   449 C CG   . ASP A 1 31 ? -1.750  -0.903  6.177   1.00 0.00 ? 31 ASP A CG   1 
ATOM   450 O OD1  . ASP A 1 31 ? -2.305  -1.123  5.075   1.00 0.00 ? 31 ASP A OD1  1 
ATOM   451 O OD2  . ASP A 1 31 ? -1.060  0.120   6.374   1.00 0.00 ? 31 ASP A OD2  1 
ATOM   452 H H    . ASP A 1 31 ? 0.173   -3.044  6.170   1.00 0.00 ? 31 ASP A H    1 
ATOM   453 H HA   . ASP A 1 31 ? -1.999  -3.916  8.035   1.00 0.00 ? 31 ASP A HA   1 
ATOM   454 H HB2  . ASP A 1 31 ? -2.914  -1.691  7.803   1.00 0.00 ? 31 ASP A HB2  1 
ATOM   455 H HB3  . ASP A 1 31 ? -1.210  -1.637  8.142   1.00 0.00 ? 31 ASP A HB3  1 
ATOM   456 N N    . GLN A 1 32 ? -2.711  -4.643  5.016   1.00 0.00 ? 32 GLN A N    1 
ATOM   457 C CA   . GLN A 1 32 ? -3.711  -5.067  3.994   1.00 0.00 ? 32 GLN A CA   1 
ATOM   458 C C    . GLN A 1 32 ? -4.080  -3.859  3.061   1.00 0.00 ? 32 GLN A C    1 
ATOM   459 O O    . GLN A 1 32 ? -4.799  -2.976  3.541   1.00 0.00 ? 32 GLN A O    1 
ATOM   460 C CB   . GLN A 1 32 ? -4.937  -5.864  4.538   1.00 0.00 ? 32 GLN A CB   1 
ATOM   461 C CG   . GLN A 1 32 ? -5.859  -6.538  3.492   1.00 0.00 ? 32 GLN A CG   1 
ATOM   462 C CD   . GLN A 1 32 ? -5.222  -7.684  2.688   1.00 0.00 ? 32 GLN A CD   1 
ATOM   463 O OE1  . GLN A 1 32 ? -4.751  -7.492  1.568   1.00 0.00 ? 32 GLN A OE1  1 
ATOM   464 N NE2  . GLN A 1 32 ? -5.202  -8.894  3.228   1.00 0.00 ? 32 GLN A NE2  1 
ATOM   465 H H    . GLN A 1 32 ? -1.710  -4.814  4.871   1.00 0.00 ? 32 GLN A H    1 
ATOM   466 H HA   . GLN A 1 32 ? -3.164  -5.821  3.403   1.00 0.00 ? 32 GLN A HA   1 
ATOM   467 H HB2  . GLN A 1 32 ? -4.587  -6.637  5.248   1.00 0.00 ? 32 GLN A HB2  1 
ATOM   468 H HB3  . GLN A 1 32 ? -5.568  -5.194  5.148   1.00 0.00 ? 32 GLN A HB3  1 
ATOM   469 H HG2  . GLN A 1 32 ? -6.767  -6.909  4.006   1.00 0.00 ? 32 GLN A HG2  1 
ATOM   470 H HG3  . GLN A 1 32 ? -6.241  -5.772  2.790   1.00 0.00 ? 32 GLN A HG3  1 
ATOM   471 H HE21 . GLN A 1 32 ? -5.617  -8.991  4.160   1.00 0.00 ? 32 GLN A HE21 1 
ATOM   472 H HE22 . GLN A 1 32 ? -4.780  -9.639  2.662   1.00 0.00 ? 32 GLN A HE22 1 
ATOM   473 N N    . PRO A 1 33 ? -3.648  -3.774  1.761   1.00 0.00 ? 33 PRO A N    1 
ATOM   474 C CA   . PRO A 1 33 ? -3.954  -2.628  0.859   1.00 0.00 ? 33 PRO A CA   1 
ATOM   475 C C    . PRO A 1 33 ? -5.455  -2.286  0.638   1.00 0.00 ? 33 PRO A C    1 
ATOM   476 O O    . PRO A 1 33 ? -6.222  -3.113  0.131   1.00 0.00 ? 33 PRO A O    1 
ATOM   477 C CB   . PRO A 1 33 ? -3.271  -3.036  -0.463  1.00 0.00 ? 33 PRO A CB   1 
ATOM   478 C CG   . PRO A 1 33 ? -2.103  -3.921  -0.042  1.00 0.00 ? 33 PRO A CG   1 
ATOM   479 C CD   . PRO A 1 33 ? -2.614  -4.660  1.190   1.00 0.00 ? 33 PRO A CD   1 
ATOM   480 H HA   . PRO A 1 33 ? -3.411  -1.752  1.263   1.00 0.00 ? 33 PRO A HA   1 
ATOM   481 H HB2  . PRO A 1 33 ? -3.948  -3.623  -1.114  1.00 0.00 ? 33 PRO A HB2  1 
ATOM   482 H HB3  . PRO A 1 33 ? -2.943  -2.164  -1.057  1.00 0.00 ? 33 PRO A HB3  1 
ATOM   483 H HG2  . PRO A 1 33 ? -1.795  -4.621  -0.839  1.00 0.00 ? 33 PRO A HG2  1 
ATOM   484 H HG3  . PRO A 1 33 ? -1.223  -3.300  0.214   1.00 0.00 ? 33 PRO A HG3  1 
ATOM   485 H HD2  . PRO A 1 33 ? -3.054  -5.635  0.912   1.00 0.00 ? 33 PRO A HD2  1 
ATOM   486 H HD3  . PRO A 1 33 ? -1.779  -4.850  1.892   1.00 0.00 ? 33 PRO A HD3  1 
ATOM   487 N N    . ARG A 1 34 ? -5.855  -1.071  1.056   1.00 0.00 ? 34 ARG A N    1 
ATOM   488 C CA   . ARG A 1 34 ? -7.262  -0.600  0.966   1.00 0.00 ? 34 ARG A CA   1 
ATOM   489 C C    . ARG A 1 34 ? -7.240  0.946   0.719   1.00 0.00 ? 34 ARG A C    1 
ATOM   490 O O    . ARG A 1 34 ? -6.918  1.666   1.673   1.00 0.00 ? 34 ARG A O    1 
ATOM   491 C CB   . ARG A 1 34 ? -8.090  -0.901  2.252   1.00 0.00 ? 34 ARG A CB   1 
ATOM   492 C CG   . ARG A 1 34 ? -8.305  -2.382  2.636   1.00 0.00 ? 34 ARG A CG   1 
ATOM   493 C CD   . ARG A 1 34 ? -9.234  -2.529  3.859   1.00 0.00 ? 34 ARG A CD   1 
ATOM   494 N NE   . ARG A 1 34 ? -9.247  -3.911  4.401   1.00 0.00 ? 34 ARG A NE   1 
ATOM   495 C CZ   . ARG A 1 34 ? -8.530  -4.329  5.465   1.00 0.00 ? 34 ARG A CZ   1 
ATOM   496 N NH1  . ARG A 1 34 ? -7.670  -3.563  6.136   1.00 0.00 ? 34 ARG A NH1  1 
ATOM   497 N NH2  . ARG A 1 34 ? -8.690  -5.576  5.870   1.00 0.00 ? 34 ARG A NH2  1 
ATOM   498 H H    . ARG A 1 34 ? -5.115  -0.492  1.466   1.00 0.00 ? 34 ARG A H    1 
ATOM   499 H HA   . ARG A 1 34 ? -7.775  -1.114  0.133   1.00 0.00 ? 34 ARG A HA   1 
ATOM   500 H HB2  . ARG A 1 34 ? -7.631  -0.383  3.118   1.00 0.00 ? 34 ARG A HB2  1 
ATOM   501 H HB3  . ARG A 1 34 ? -9.087  -0.433  2.136   1.00 0.00 ? 34 ARG A HB3  1 
ATOM   502 H HG2  . ARG A 1 34 ? -8.720  -2.942  1.777   1.00 0.00 ? 34 ARG A HG2  1 
ATOM   503 H HG3  . ARG A 1 34 ? -7.324  -2.844  2.853   1.00 0.00 ? 34 ARG A HG3  1 
ATOM   504 H HD2  . ARG A 1 34 ? -8.965  -1.796  4.645   1.00 0.00 ? 34 ARG A HD2  1 
ATOM   505 H HD3  . ARG A 1 34 ? -10.265 -2.259  3.567   1.00 0.00 ? 34 ARG A HD3  1 
ATOM   506 H HE   . ARG A 1 34 ? -9.860  -4.630  4.000   1.00 0.00 ? 34 ARG A HE   1 
ATOM   507 H HH11 . ARG A 1 34 ? -7.561  -2.598  5.804   1.00 0.00 ? 34 ARG A HH11 1 
ATOM   508 H HH12 . ARG A 1 34 ? -7.182  -4.001  6.925   1.00 0.00 ? 34 ARG A HH12 1 
ATOM   509 H HH21 . ARG A 1 34 ? -9.358  -6.148  5.340   1.00 0.00 ? 34 ARG A HH21 1 
ATOM   510 H HH22 . ARG A 1 34 ? -8.137  -5.869  6.683   1.00 0.00 ? 34 ARG A HH22 1 
ATOM   511 N N    . PRO A 1 35 ? -7.590  1.528   -0.468  1.00 0.00 ? 35 PRO A N    1 
ATOM   512 C CA   . PRO A 1 35 ? -7.817  0.808   -1.754  1.00 0.00 ? 35 PRO A CA   1 
ATOM   513 C C    . PRO A 1 35 ? -6.493  0.538   -2.533  1.00 0.00 ? 35 PRO A C    1 
ATOM   514 O O    . PRO A 1 35 ? -5.566  1.346   -2.458  1.00 0.00 ? 35 PRO A O    1 
ATOM   515 C CB   . PRO A 1 35 ? -8.714  1.819   -2.496  1.00 0.00 ? 35 PRO A CB   1 
ATOM   516 C CG   . PRO A 1 35 ? -8.250  3.203   -2.030  1.00 0.00 ? 35 PRO A CG   1 
ATOM   517 C CD   . PRO A 1 35 ? -7.808  2.988   -0.584  1.00 0.00 ? 35 PRO A CD   1 
ATOM   518 H HA   . PRO A 1 35 ? -8.394  -0.125  -1.613  1.00 0.00 ? 35 PRO A HA   1 
ATOM   519 H HB2  . PRO A 1 35 ? -8.679  1.714   -3.598  1.00 0.00 ? 35 PRO A HB2  1 
ATOM   520 H HB3  . PRO A 1 35 ? -9.772  1.665   -2.207  1.00 0.00 ? 35 PRO A HB3  1 
ATOM   521 H HG2  . PRO A 1 35 ? -7.389  3.538   -2.639  1.00 0.00 ? 35 PRO A HG2  1 
ATOM   522 H HG3  . PRO A 1 35 ? -9.039  3.971   -2.127  1.00 0.00 ? 35 PRO A HG3  1 
ATOM   523 H HD2  . PRO A 1 35 ? -6.886  3.558   -0.358  1.00 0.00 ? 35 PRO A HD2  1 
ATOM   524 H HD3  . PRO A 1 35 ? -8.591  3.321   0.123   1.00 0.00 ? 35 PRO A HD3  1 
ATOM   525 N N    . SER A 1 36 ? -6.421  -0.550  -3.321  1.00 0.00 ? 36 SER A N    1 
ATOM   526 C CA   . SER A 1 36 ? -5.218  -0.849  -4.151  1.00 0.00 ? 36 SER A CA   1 
ATOM   527 C C    . SER A 1 36 ? -5.280  -0.088  -5.511  1.00 0.00 ? 36 SER A C    1 
ATOM   528 O O    . SER A 1 36 ? -5.932  -0.536  -6.461  1.00 0.00 ? 36 SER A O    1 
ATOM   529 C CB   . SER A 1 36 ? -5.079  -2.380  -4.313  1.00 0.00 ? 36 SER A CB   1 
ATOM   530 O OG   . SER A 1 36 ? -3.853  -2.708  -4.955  1.00 0.00 ? 36 SER A OG   1 
ATOM   531 H H    . SER A 1 36 ? -7.257  -1.143  -3.331  1.00 0.00 ? 36 SER A H    1 
ATOM   532 H HA   . SER A 1 36 ? -4.310  -0.535  -3.593  1.00 0.00 ? 36 SER A HA   1 
ATOM   533 H HB2  . SER A 1 36 ? -5.101  -2.880  -3.326  1.00 0.00 ? 36 SER A HB2  1 
ATOM   534 H HB3  . SER A 1 36 ? -5.923  -2.801  -4.891  1.00 0.00 ? 36 SER A HB3  1 
ATOM   535 H HG   . SER A 1 36 ? -3.810  -3.667  -4.968  1.00 0.00 ? 36 SER A HG   1 
ATOM   536 N N    . LYS A 1 37 ? -4.603  1.076   -5.576  1.00 0.00 ? 37 LYS A N    1 
ATOM   537 C CA   . LYS A 1 37 ? -4.540  1.932   -6.794  1.00 0.00 ? 37 LYS A CA   1 
ATOM   538 C C    . LYS A 1 37 ? -3.162  2.678   -6.793  1.00 0.00 ? 37 LYS A C    1 
ATOM   539 O O    . LYS A 1 37 ? -2.127  2.005   -6.811  1.00 0.00 ? 37 LYS A O    1 
ATOM   540 C CB   . LYS A 1 37 ? -5.847  2.773   -6.998  1.00 0.00 ? 37 LYS A CB   1 
ATOM   541 C CG   . LYS A 1 37 ? -6.291  3.710   -5.845  1.00 0.00 ? 37 LYS A CG   1 
ATOM   542 C CD   . LYS A 1 37 ? -7.444  4.651   -6.238  1.00 0.00 ? 37 LYS A CD   1 
ATOM   543 C CE   . LYS A 1 37 ? -7.766  5.679   -5.138  1.00 0.00 ? 37 LYS A CE   1 
ATOM   544 N NZ   . LYS A 1 37 ? -8.830  6.607   -5.558  1.00 0.00 ? 37 LYS A NZ   1 
ATOM   545 H H    . LYS A 1 37 ? -4.113  1.333   -4.711  1.00 0.00 ? 37 LYS A H    1 
ATOM   546 H HA   . LYS A 1 37 ? -4.482  1.266   -7.677  1.00 0.00 ? 37 LYS A HA   1 
ATOM   547 H HB2  . LYS A 1 37 ? -5.723  3.370   -7.923  1.00 0.00 ? 37 LYS A HB2  1 
ATOM   548 H HB3  . LYS A 1 37 ? -6.683  2.084   -7.228  1.00 0.00 ? 37 LYS A HB3  1 
ATOM   549 H HG2  . LYS A 1 37 ? -6.579  3.106   -4.965  1.00 0.00 ? 37 LYS A HG2  1 
ATOM   550 H HG3  . LYS A 1 37 ? -5.436  4.323   -5.510  1.00 0.00 ? 37 LYS A HG3  1 
ATOM   551 H HD2  . LYS A 1 37 ? -7.178  5.184   -7.171  1.00 0.00 ? 37 LYS A HD2  1 
ATOM   552 H HD3  . LYS A 1 37 ? -8.345  4.052   -6.475  1.00 0.00 ? 37 LYS A HD3  1 
ATOM   553 H HE2  . LYS A 1 37 ? -8.082  5.169   -4.211  1.00 0.00 ? 37 LYS A HE2  1 
ATOM   554 H HE3  . LYS A 1 37 ? -6.864  6.263   -4.876  1.00 0.00 ? 37 LYS A HE3  1 
ATOM   555 H HZ1  . LYS A 1 37 ? -8.562  7.133   -6.397  1.00 0.00 ? 37 LYS A HZ1  1 
ATOM   556 H HZ2  . LYS A 1 37 ? -9.700  6.110   -5.776  1.00 0.00 ? 37 LYS A HZ2  1 
ATOM   557 H HZ3  . LYS A 1 37 ? -9.046  7.293   -4.826  1.00 0.00 ? 37 LYS A HZ3  1 
ATOM   558 N N    . GLU A 1 38 ? -3.132  4.027   -6.755  1.00 0.00 ? 38 GLU A N    1 
ATOM   559 C CA   . GLU A 1 38 ? -1.908  4.836   -6.469  1.00 0.00 ? 38 GLU A CA   1 
ATOM   560 C C    . GLU A 1 38 ? -1.837  5.287   -4.974  1.00 0.00 ? 38 GLU A C    1 
ATOM   561 O O    . GLU A 1 38 ? -0.840  4.990   -4.312  1.00 0.00 ? 38 GLU A O    1 
ATOM   562 C CB   . GLU A 1 38 ? -1.710  5.962   -7.525  1.00 0.00 ? 38 GLU A CB   1 
ATOM   563 C CG   . GLU A 1 38 ? -2.615  7.217   -7.522  1.00 0.00 ? 38 GLU A CG   1 
ATOM   564 C CD   . GLU A 1 38 ? -4.104  6.970   -7.787  1.00 0.00 ? 38 GLU A CD   1 
ATOM   565 O OE1  . GLU A 1 38 ? -4.465  6.601   -8.926  1.00 0.00 ? 38 GLU A OE1  1 
ATOM   566 O OE2  . GLU A 1 38 ? -4.921  7.140   -6.854  1.00 0.00 ? 38 GLU A OE2  1 
ATOM   567 H H    . GLU A 1 38 ? -4.060  4.463   -6.760  1.00 0.00 ? 38 GLU A H    1 
ATOM   568 H HA   . GLU A 1 38 ? -1.026  4.184   -6.619  1.00 0.00 ? 38 GLU A HA   1 
ATOM   569 H HB2  . GLU A 1 38 ? -0.667  6.318   -7.434  1.00 0.00 ? 38 GLU A HB2  1 
ATOM   570 H HB3  . GLU A 1 38 ? -1.742  5.516   -8.536  1.00 0.00 ? 38 GLU A HB3  1 
ATOM   571 H HG2  . GLU A 1 38 ? -2.487  7.753   -6.566  1.00 0.00 ? 38 GLU A HG2  1 
ATOM   572 H HG3  . GLU A 1 38 ? -2.243  7.923   -8.287  1.00 0.00 ? 38 GLU A HG3  1 
ATOM   573 N N    . TRP A 1 39 ? -2.899  5.939   -4.440  1.00 0.00 ? 39 TRP A N    1 
ATOM   574 C CA   . TRP A 1 39 ? -3.193  6.067   -2.980  1.00 0.00 ? 39 TRP A CA   1 
ATOM   575 C C    . TRP A 1 39 ? -2.042  6.607   -2.061  1.00 0.00 ? 39 TRP A C    1 
ATOM   576 O O    . TRP A 1 39 ? -1.366  7.566   -2.440  1.00 0.00 ? 39 TRP A O    1 
ATOM   577 C CB   . TRP A 1 39 ? -4.079  4.865   -2.498  1.00 0.00 ? 39 TRP A CB   1 
ATOM   578 C CG   . TRP A 1 39 ? -3.391  3.530   -2.145  1.00 0.00 ? 39 TRP A CG   1 
ATOM   579 C CD1  . TRP A 1 39 ? -2.755  2.636   -3.034  1.00 0.00 ? 39 TRP A CD1  1 
ATOM   580 C CD2  . TRP A 1 39 ? -3.336  2.903   -0.908  1.00 0.00 ? 39 TRP A CD2  1 
ATOM   581 N NE1  . TRP A 1 39 ? -2.295  1.476   -2.391  1.00 0.00 ? 39 TRP A NE1  1 
ATOM   582 C CE2  . TRP A 1 39 ? -2.681  1.657   -1.075  1.00 0.00 ? 39 TRP A CE2  1 
ATOM   583 C CE3  . TRP A 1 39 ? -3.851  3.275   0.360   1.00 0.00 ? 39 TRP A CE3  1 
ATOM   584 C CZ2  . TRP A 1 39 ? -2.560  0.770   0.013   1.00 0.00 ? 39 TRP A CZ2  1 
ATOM   585 C CZ3  . TRP A 1 39 ? -3.694  2.391   1.428   1.00 0.00 ? 39 TRP A CZ3  1 
ATOM   586 C CH2  . TRP A 1 39 ? -3.063  1.155   1.256   1.00 0.00 ? 39 TRP A CH2  1 
ATOM   587 H H    . TRP A 1 39 ? -3.632  6.142   -5.127  1.00 0.00 ? 39 TRP A H    1 
ATOM   588 H HA   . TRP A 1 39 ? -3.906  6.912   -2.958  1.00 0.00 ? 39 TRP A HA   1 
ATOM   589 H HB2  . TRP A 1 39 ? -4.649  5.211   -1.614  1.00 0.00 ? 39 TRP A HB2  1 
ATOM   590 H HB3  . TRP A 1 39 ? -4.876  4.661   -3.238  1.00 0.00 ? 39 TRP A HB3  1 
ATOM   591 H HD1  . TRP A 1 39 ? -2.653  2.795   -4.092  1.00 0.00 ? 39 TRP A HD1  1 
ATOM   592 H HE1  . TRP A 1 39 ? -1.839  0.658   -2.809  1.00 0.00 ? 39 TRP A HE1  1 
ATOM   593 H HE3  . TRP A 1 39 ? -4.359  4.215   0.501   1.00 0.00 ? 39 TRP A HE3  1 
ATOM   594 H HZ2  . TRP A 1 39 ? -2.092  -0.192  -0.119  1.00 0.00 ? 39 TRP A HZ2  1 
ATOM   595 H HZ3  . TRP A 1 39 ? -4.080  2.653   2.400   1.00 0.00 ? 39 TRP A HZ3  1 
ATOM   596 H HH2  . TRP A 1 39 ? -2.968  0.488   2.099   1.00 0.00 ? 39 TRP A HH2  1 
ATOM   597 N N    . GLN A 1 40 ? -1.826  5.999   -0.877  1.00 0.00 ? 40 GLN A N    1 
ATOM   598 C CA   . GLN A 1 40 ? -0.725  6.338   0.065   1.00 0.00 ? 40 GLN A CA   1 
ATOM   599 C C    . GLN A 1 40 ? 0.727   6.247   -0.527  1.00 0.00 ? 40 GLN A C    1 
ATOM   600 O O    . GLN A 1 40 ? 1.442   7.227   -0.307  1.00 0.00 ? 40 GLN A O    1 
ATOM   601 C CB   . GLN A 1 40 ? -0.935  5.529   1.374   1.00 0.00 ? 40 GLN A CB   1 
ATOM   602 C CG   . GLN A 1 40 ? -0.042  5.945   2.563   1.00 0.00 ? 40 GLN A CG   1 
ATOM   603 C CD   . GLN A 1 40 ? -0.451  5.272   3.882   1.00 0.00 ? 40 GLN A CD   1 
ATOM   604 O OE1  . GLN A 1 40 ? -1.229  5.820   4.663   1.00 0.00 ? 40 GLN A OE1  1 
ATOM   605 N NE2  . GLN A 1 40 ? 0.056   4.080   4.164   1.00 0.00 ? 40 GLN A NE2  1 
ATOM   606 H H    . GLN A 1 40 ? -2.467  5.224   -0.679  1.00 0.00 ? 40 GLN A H    1 
ATOM   607 H HA   . GLN A 1 40 ? -0.892  7.399   0.339   1.00 0.00 ? 40 GLN A HA   1 
ATOM   608 H HB2  . GLN A 1 40 ? -1.989  5.631   1.690   1.00 0.00 ? 40 GLN A HB2  1 
ATOM   609 H HB3  . GLN A 1 40 ? -0.809  4.447   1.187   1.00 0.00 ? 40 GLN A HB3  1 
ATOM   610 H HG2  . GLN A 1 40 ? 1.022   5.735   2.333   1.00 0.00 ? 40 GLN A HG2  1 
ATOM   611 H HG3  . GLN A 1 40 ? -0.094  7.042   2.699   1.00 0.00 ? 40 GLN A HG3  1 
ATOM   612 H HE21 . GLN A 1 40 ? 0.705   3.683   3.476   1.00 0.00 ? 40 GLN A HE21 1 
ATOM   613 H HE22 . GLN A 1 40 ? -0.237  3.655   5.051   1.00 0.00 ? 40 GLN A HE22 1 
ATOM   614 N N    . PRO A 1 41 ? 1.211   5.215   -1.290  1.00 0.00 ? 41 PRO A N    1 
ATOM   615 C CA   . PRO A 1 41 ? 2.485   5.287   -2.065  1.00 0.00 ? 41 PRO A CA   1 
ATOM   616 C C    . PRO A 1 41 ? 2.776   6.561   -2.922  1.00 0.00 ? 41 PRO A C    1 
ATOM   617 O O    . PRO A 1 41 ? 3.884   7.096   -2.833  1.00 0.00 ? 41 PRO A O    1 
ATOM   618 C CB   . PRO A 1 41 ? 2.442   4.004   -2.915  1.00 0.00 ? 41 PRO A CB   1 
ATOM   619 C CG   . PRO A 1 41 ? 1.587   3.026   -2.112  1.00 0.00 ? 41 PRO A CG   1 
ATOM   620 C CD   . PRO A 1 41 ? 0.551   3.901   -1.414  1.00 0.00 ? 41 PRO A CD   1 
ATOM   621 H HA   . PRO A 1 41 ? 3.308   5.182   -1.332  1.00 0.00 ? 41 PRO A HA   1 
ATOM   622 H HB2  . PRO A 1 41 ? 1.958   4.184   -3.896  1.00 0.00 ? 41 PRO A HB2  1 
ATOM   623 H HB3  . PRO A 1 41 ? 3.451   3.601   -3.125  1.00 0.00 ? 41 PRO A HB3  1 
ATOM   624 H HG2  . PRO A 1 41 ? 1.116   2.256   -2.750  1.00 0.00 ? 41 PRO A HG2  1 
ATOM   625 H HG3  . PRO A 1 41 ? 2.212   2.500   -1.367  1.00 0.00 ? 41 PRO A HG3  1 
ATOM   626 H HD2  . PRO A 1 41 ? -0.364  3.980   -2.025  1.00 0.00 ? 41 PRO A HD2  1 
ATOM   627 H HD3  . PRO A 1 41 ? 0.271   3.466   -0.439  1.00 0.00 ? 41 PRO A HD3  1 
ATOM   628 N N    . ALA A 1 42 ? 1.783   7.063   -3.690  1.00 0.00 ? 42 ALA A N    1 
ATOM   629 C CA   . ALA A 1 42 ? 1.864   8.381   -4.380  1.00 0.00 ? 42 ALA A CA   1 
ATOM   630 C C    . ALA A 1 42 ? 1.978   9.627   -3.446  1.00 0.00 ? 42 ALA A C    1 
ATOM   631 O O    . ALA A 1 42 ? 2.826   10.486  -3.692  1.00 0.00 ? 42 ALA A O    1 
ATOM   632 C CB   . ALA A 1 42 ? 0.667   8.514   -5.340  1.00 0.00 ? 42 ALA A CB   1 
ATOM   633 H H    . ALA A 1 42 ? 0.909   6.526   -3.662  1.00 0.00 ? 42 ALA A H    1 
ATOM   634 H HA   . ALA A 1 42 ? 2.765   8.363   -5.023  1.00 0.00 ? 42 ALA A HA   1 
ATOM   635 H HB1  . ALA A 1 42 ? 0.637   7.686   -6.071  1.00 0.00 ? 42 ALA A HB1  1 
ATOM   636 H HB2  . ALA A 1 42 ? -0.303  8.518   -4.808  1.00 0.00 ? 42 ALA A HB2  1 
ATOM   637 H HB3  . ALA A 1 42 ? 0.718   9.450   -5.928  1.00 0.00 ? 42 ALA A HB3  1 
ATOM   638 N N    . GLN A 1 43 ? 1.168   9.708   -2.372  1.00 0.00 ? 43 GLN A N    1 
ATOM   639 C CA   . GLN A 1 43 ? 1.263   10.783  -1.336  1.00 0.00 ? 43 GLN A CA   1 
ATOM   640 C C    . GLN A 1 43 ? 2.605   10.845  -0.529  1.00 0.00 ? 43 GLN A C    1 
ATOM   641 O O    . GLN A 1 43 ? 3.059   11.949  -0.210  1.00 0.00 ? 43 GLN A O    1 
ATOM   642 C CB   . GLN A 1 43 ? 0.065   10.666  -0.349  1.00 0.00 ? 43 GLN A CB   1 
ATOM   643 C CG   . GLN A 1 43 ? -1.362  10.754  -0.940  1.00 0.00 ? 43 GLN A CG   1 
ATOM   644 C CD   . GLN A 1 43 ? -1.820  12.151  -1.391  1.00 0.00 ? 43 GLN A CD   1 
ATOM   645 O OE1  . GLN A 1 43 ? -2.500  12.866  -0.658  1.00 0.00 ? 43 GLN A OE1  1 
ATOM   646 N NE2  . GLN A 1 43 ? -1.488  12.559  -2.606  1.00 0.00 ? 43 GLN A NE2  1 
ATOM   647 H H    . GLN A 1 43 ? 0.519   8.921   -2.267  1.00 0.00 ? 43 GLN A H    1 
ATOM   648 H HA   . GLN A 1 43 ? 1.168   11.754  -1.859  1.00 0.00 ? 43 GLN A HA   1 
ATOM   649 H HB2  . GLN A 1 43 ? 0.146   9.707   0.195   1.00 0.00 ? 43 GLN A HB2  1 
ATOM   650 H HB3  . GLN A 1 43 ? 0.157   11.437  0.442   1.00 0.00 ? 43 GLN A HB3  1 
ATOM   651 H HG2  . GLN A 1 43 ? -1.490  10.031  -1.767  1.00 0.00 ? 43 GLN A HG2  1 
ATOM   652 H HG3  . GLN A 1 43 ? -2.061  10.395  -0.167  1.00 0.00 ? 43 GLN A HG3  1 
ATOM   653 H HE21 . GLN A 1 43 ? -0.927  11.912  -3.171  1.00 0.00 ? 43 GLN A HE21 1 
ATOM   654 H HE22 . GLN A 1 43 ? -1.812  13.493  -2.880  1.00 0.00 ? 43 GLN A HE22 1 
ATOM   655 N N    . VAL A 1 44 ? 3.231   9.691   -0.214  1.00 0.00 ? 44 VAL A N    1 
ATOM   656 C CA   . VAL A 1 44 ? 4.564   9.611   0.459   1.00 0.00 ? 44 VAL A CA   1 
ATOM   657 C C    . VAL A 1 44 ? 5.740   10.128  -0.444  1.00 0.00 ? 44 VAL A C    1 
ATOM   658 O O    . VAL A 1 44 ? 6.594   10.855  0.073   1.00 0.00 ? 44 VAL A O    1 
ATOM   659 C CB   . VAL A 1 44 ? 4.762   8.174   1.065   1.00 0.00 ? 44 VAL A CB   1 
ATOM   660 C CG1  . VAL A 1 44 ? 6.174   7.901   1.637   1.00 0.00 ? 44 VAL A CG1  1 
ATOM   661 C CG2  . VAL A 1 44 ? 3.748   7.865   2.198   1.00 0.00 ? 44 VAL A CG2  1 
ATOM   662 H H    . VAL A 1 44 ? 2.749   8.846   -0.540  1.00 0.00 ? 44 VAL A H    1 
ATOM   663 H HA   . VAL A 1 44 ? 4.531   10.306  1.322   1.00 0.00 ? 44 VAL A HA   1 
ATOM   664 H HB   . VAL A 1 44 ? 4.602   7.432   0.259   1.00 0.00 ? 44 VAL A HB   1 
ATOM   665 H HG11 . VAL A 1 44 ? 6.439   8.609   2.446   1.00 0.00 ? 44 VAL A HG11 1 
ATOM   666 H HG12 . VAL A 1 44 ? 6.263   6.877   2.050   1.00 0.00 ? 44 VAL A HG12 1 
ATOM   667 H HG13 . VAL A 1 44 ? 6.956   7.988   0.860   1.00 0.00 ? 44 VAL A HG13 1 
ATOM   668 H HG21 . VAL A 1 44 ? 3.853   8.564   3.049   1.00 0.00 ? 44 VAL A HG21 1 
ATOM   669 H HG22 . VAL A 1 44 ? 2.701   7.937   1.854   1.00 0.00 ? 44 VAL A HG22 1 
ATOM   670 H HG23 . VAL A 1 44 ? 3.868   6.844   2.602   1.00 0.00 ? 44 VAL A HG23 1 
ATOM   671 N N    . ILE A 1 45 ? 5.781   9.813   -1.760  1.00 0.00 ? 45 ILE A N    1 
ATOM   672 C CA   . ILE A 1 45 ? 6.680   10.521  -2.736  1.00 0.00 ? 45 ILE A CA   1 
ATOM   673 C C    . ILE A 1 45 ? 6.300   12.012  -3.089  1.00 0.00 ? 45 ILE A C    1 
ATOM   674 O O    . ILE A 1 45 ? 7.073   12.668  -3.793  1.00 0.00 ? 45 ILE A O    1 
ATOM   675 C CB   . ILE A 1 45 ? 6.938   9.664   -4.030  1.00 0.00 ? 45 ILE A CB   1 
ATOM   676 C CG1  . ILE A 1 45 ? 5.678   9.468   -4.928  1.00 0.00 ? 45 ILE A CG1  1 
ATOM   677 C CG2  . ILE A 1 45 ? 7.648   8.323   -3.715  1.00 0.00 ? 45 ILE A CG2  1 
ATOM   678 C CD1  . ILE A 1 45 ? 5.924   8.902   -6.336  1.00 0.00 ? 45 ILE A CD1  1 
ATOM   679 H H    . ILE A 1 45 ? 5.025   9.196   -2.075  1.00 0.00 ? 45 ILE A H    1 
ATOM   680 H HA   . ILE A 1 45 ? 7.671   10.609  -2.248  1.00 0.00 ? 45 ILE A HA   1 
ATOM   681 H HB   . ILE A 1 45 ? 7.664   10.235  -4.640  1.00 0.00 ? 45 ILE A HB   1 
ATOM   682 H HG12 . ILE A 1 45 ? 4.945   8.827   -4.407  1.00 0.00 ? 45 ILE A HG12 1 
ATOM   683 H HG13 . ILE A 1 45 ? 5.164   10.439  -5.061  1.00 0.00 ? 45 ILE A HG13 1 
ATOM   684 H HG21 . ILE A 1 45 ? 6.986   7.620   -3.175  1.00 0.00 ? 45 ILE A HG21 1 
ATOM   685 H HG22 . ILE A 1 45 ? 7.993   7.811   -4.629  1.00 0.00 ? 45 ILE A HG22 1 
ATOM   686 H HG23 . ILE A 1 45 ? 8.543   8.478   -3.086  1.00 0.00 ? 45 ILE A HG23 1 
ATOM   687 H HD11 . ILE A 1 45 ? 6.645   9.521   -6.903  1.00 0.00 ? 45 ILE A HD11 1 
ATOM   688 H HD12 . ILE A 1 45 ? 6.315   7.869   -6.303  1.00 0.00 ? 45 ILE A HD12 1 
ATOM   689 H HD13 . ILE A 1 45 ? 4.984   8.875   -6.920  1.00 0.00 ? 45 ILE A HD13 1 
ATOM   690 N N    . LEU A 1 46 ? 5.137   12.536  -2.630  1.00 0.00 ? 46 LEU A N    1 
ATOM   691 C CA   . LEU A 1 46 ? 4.618   13.902  -2.926  1.00 0.00 ? 46 LEU A CA   1 
ATOM   692 C C    . LEU A 1 46 ? 4.073   13.958  -4.383  1.00 0.00 ? 46 LEU A C    1 
ATOM   693 O O    . LEU A 1 46 ? 4.780   14.373  -5.308  1.00 0.00 ? 46 LEU A O    1 
ATOM   694 C CB   . LEU A 1 46 ? 5.542   15.107  -2.548  1.00 0.00 ? 46 LEU A CB   1 
ATOM   695 C CG   . LEU A 1 46 ? 5.715   15.437  -1.035  1.00 0.00 ? 46 LEU A CG   1 
ATOM   696 C CD1  . LEU A 1 46 ? 6.540   14.392  -0.257  1.00 0.00 ? 46 LEU A CD1  1 
ATOM   697 C CD2  . LEU A 1 46 ? 6.342   16.836  -0.859  1.00 0.00 ? 46 LEU A CD2  1 
ATOM   698 H H    . LEU A 1 46 ? 4.588   11.881  -2.064  1.00 0.00 ? 46 LEU A H    1 
ATOM   699 H HA   . LEU A 1 46 ? 3.741   14.015  -2.259  1.00 0.00 ? 46 LEU A HA   1 
ATOM   700 H HB2  . LEU A 1 46 ? 6.532   15.008  -3.030  1.00 0.00 ? 46 LEU A HB2  1 
ATOM   701 H HB3  . LEU A 1 46 ? 5.105   16.005  -3.026  1.00 0.00 ? 46 LEU A HB3  1 
ATOM   702 H HG   . LEU A 1 46 ? 4.712   15.477  -0.574  1.00 0.00 ? 46 LEU A HG   1 
ATOM   703 H HD11 . LEU A 1 46 ? 6.693   14.687  0.797   1.00 0.00 ? 46 LEU A HD11 1 
ATOM   704 H HD12 . LEU A 1 46 ? 6.027   13.415  -0.226  1.00 0.00 ? 46 LEU A HD12 1 
ATOM   705 H HD13 . LEU A 1 46 ? 7.537   14.227  -0.705  1.00 0.00 ? 46 LEU A HD13 1 
ATOM   706 H HD21 . LEU A 1 46 ? 7.360   16.895  -1.287  1.00 0.00 ? 46 LEU A HD21 1 
ATOM   707 H HD22 . LEU A 1 46 ? 5.735   17.618  -1.352  1.00 0.00 ? 46 LEU A HD22 1 
ATOM   708 H HD23 . LEU A 1 46 ? 6.415   17.121  0.207   1.00 0.00 ? 46 LEU A HD23 1 
ATOM   709 N N    . LEU A 1 47 ? 2.816   13.504  -4.564  1.00 0.00 ? 47 LEU A N    1 
ATOM   710 C CA   . LEU A 1 47 ? 2.162   13.416  -5.892  1.00 0.00 ? 47 LEU A CA   1 
ATOM   711 C C    . LEU A 1 47 ? 0.647   13.334  -5.606  1.00 0.00 ? 47 LEU A C    1 
ATOM   712 O O    . LEU A 1 47 ? 0.043   12.282  -5.393  1.00 0.00 ? 47 LEU A O    1 
ATOM   713 C CB   . LEU A 1 47 ? 2.704   12.206  -6.719  1.00 0.00 ? 47 LEU A CB   1 
ATOM   714 C CG   . LEU A 1 47 ? 2.164   12.041  -8.166  1.00 0.00 ? 47 LEU A CG   1 
ATOM   715 C CD1  . LEU A 1 47 ? 2.602   13.186  -9.100  1.00 0.00 ? 47 LEU A CD1  1 
ATOM   716 C CD2  . LEU A 1 47 ? 2.598   10.682  -8.748  1.00 0.00 ? 47 LEU A CD2  1 
ATOM   717 O OXT  . LEU A 1 47 ? 0.052   14.571  -5.610  1.00 0.00 ? 47 LEU A OXT  1 
ATOM   718 H H    . LEU A 1 47 ? 2.343   13.198  -3.706  1.00 0.00 ? 47 LEU A H    1 
ATOM   719 H HA   . LEU A 1 47 ? 2.363   14.350  -6.449  1.00 0.00 ? 47 LEU A HA   1 
ATOM   720 H HB2  . LEU A 1 47 ? 3.809   12.262  -6.764  1.00 0.00 ? 47 LEU A HB2  1 
ATOM   721 H HB3  . LEU A 1 47 ? 2.500   11.278  -6.152  1.00 0.00 ? 47 LEU A HB3  1 
ATOM   722 H HG   . LEU A 1 47 ? 1.060   12.037  -8.132  1.00 0.00 ? 47 LEU A HG   1 
ATOM   723 H HD11 . LEU A 1 47 ? 3.704   13.270  -9.169  1.00 0.00 ? 47 LEU A HD11 1 
ATOM   724 H HD12 . LEU A 1 47 ? 2.218   13.046  -10.128 1.00 0.00 ? 47 LEU A HD12 1 
ATOM   725 H HD13 . LEU A 1 47 ? 2.220   14.164  -8.754  1.00 0.00 ? 47 LEU A HD13 1 
ATOM   726 H HD21 . LEU A 1 47 ? 2.243   9.842   -8.123  1.00 0.00 ? 47 LEU A HD21 1 
ATOM   727 H HD22 . LEU A 1 47 ? 2.184   10.520  -9.759  1.00 0.00 ? 47 LEU A HD22 1 
ATOM   728 H HD23 . LEU A 1 47 ? 3.698   10.592  -8.823  1.00 0.00 ? 47 LEU A HD23 1 
ATOM   729 H HXT  . LEU A 1 47 ? -0.890  14.517  -5.433  1.00 0.00 ? 47 LEU A HXT  1 
ATOM   730 N N    . ASP B 2 1  ? -9.022  10.701  4.467   1.00 0.00 ? 1  ASP B N    1 
ATOM   731 C CA   . ASP B 2 1  ? -8.910  10.223  3.069   1.00 0.00 ? 1  ASP B CA   1 
ATOM   732 C C    . ASP B 2 1  ? -7.424  10.245  2.611   1.00 0.00 ? 1  ASP B C    1 
ATOM   733 O O    . ASP B 2 1  ? -6.651  11.147  2.957   1.00 0.00 ? 1  ASP B O    1 
ATOM   734 C CB   . ASP B 2 1  ? -9.840  11.064  2.152   1.00 0.00 ? 1  ASP B CB   1 
ATOM   735 C CG   . ASP B 2 1  ? -10.193 10.378  0.822   1.00 0.00 ? 1  ASP B CG   1 
ATOM   736 O OD1  . ASP B 2 1  ? -11.206 9.648   0.771   1.00 0.00 ? 1  ASP B OD1  1 
ATOM   737 O OD2  . ASP B 2 1  ? -9.456  10.556  -0.171  1.00 0.00 ? 1  ASP B OD2  1 
ATOM   738 H H1   . ASP B 2 1  ? -9.988  10.646  4.807   1.00 0.00 ? 1  ASP B H1   1 
ATOM   739 H H2   . ASP B 2 1  ? -8.444  10.143  5.103   1.00 0.00 ? 1  ASP B H2   1 
ATOM   740 H H3   . ASP B 2 1  ? -8.722  11.677  4.559   1.00 0.00 ? 1  ASP B H3   1 
ATOM   741 H HA   . ASP B 2 1  ? -9.281  9.178   3.080   1.00 0.00 ? 1  ASP B HA   1 
ATOM   742 H HB2  . ASP B 2 1  ? -10.796 11.286  2.664   1.00 0.00 ? 1  ASP B HB2  1 
ATOM   743 H HB3  . ASP B 2 1  ? -9.394  12.058  1.947   1.00 0.00 ? 1  ASP B HB3  1 
ATOM   744 N N    . TYR B 2 2  ? -7.049  9.248   1.787   1.00 0.00 ? 2  TYR B N    1 
ATOM   745 C CA   . TYR B 2 2  ? -5.665  9.117   1.241   1.00 0.00 ? 2  TYR B CA   1 
ATOM   746 C C    . TYR B 2 2  ? -5.310  10.240  0.223   1.00 0.00 ? 2  TYR B C    1 
ATOM   747 O O    . TYR B 2 2  ? -4.366  10.987  0.490   1.00 0.00 ? 2  TYR B O    1 
ATOM   748 C CB   . TYR B 2 2  ? -5.379  7.689   0.693   1.00 0.00 ? 2  TYR B CB   1 
ATOM   749 C CG   . TYR B 2 2  ? -5.508  6.557   1.732   1.00 0.00 ? 2  TYR B CG   1 
ATOM   750 C CD1  . TYR B 2 2  ? -4.515  6.362   2.699   1.00 0.00 ? 2  TYR B CD1  1 
ATOM   751 C CD2  . TYR B 2 2  ? -6.645  5.742   1.744   1.00 0.00 ? 2  TYR B CD2  1 
ATOM   752 C CE1  . TYR B 2 2  ? -4.655  5.360   3.656   1.00 0.00 ? 2  TYR B CE1  1 
ATOM   753 C CE2  . TYR B 2 2  ? -6.785  4.746   2.705   1.00 0.00 ? 2  TYR B CE2  1 
ATOM   754 C CZ   . TYR B 2 2  ? -5.790  4.553   3.660   1.00 0.00 ? 2  TYR B CZ   1 
ATOM   755 O OH   . TYR B 2 2  ? -5.920  3.554   4.591   1.00 0.00 ? 2  TYR B OH   1 
ATOM   756 H H    . TYR B 2 2  ? -7.784  8.567   1.568   1.00 0.00 ? 2  TYR B H    1 
ATOM   757 H HA   . TYR B 2 2  ? -4.971  9.246   2.095   1.00 0.00 ? 2  TYR B HA   1 
ATOM   758 H HB2  . TYR B 2 2  ? -6.026  7.488   -0.184  1.00 0.00 ? 2  TYR B HB2  1 
ATOM   759 H HB3  . TYR B 2 2  ? -4.352  7.661   0.276   1.00 0.00 ? 2  TYR B HB3  1 
ATOM   760 H HD1  . TYR B 2 2  ? -3.635  6.990   2.717   1.00 0.00 ? 2  TYR B HD1  1 
ATOM   761 H HD2  . TYR B 2 2  ? -7.429  5.882   1.014   1.00 0.00 ? 2  TYR B HD2  1 
ATOM   762 H HE1  . TYR B 2 2  ? -3.878  5.207   4.394   1.00 0.00 ? 2  TYR B HE1  1 
ATOM   763 H HE2  . TYR B 2 2  ? -7.666  4.120   2.705   1.00 0.00 ? 2  TYR B HE2  1 
ATOM   764 H HH   . TYR B 2 2  ? -5.151  3.560   5.166   1.00 0.00 ? 2  TYR B HH   1 
ATOM   765 N N    . MET B 2 3  ? -6.091  10.434  -0.865  1.00 0.00 ? 3  MET B N    1 
ATOM   766 C CA   . MET B 2 3  ? -6.030  11.683  -1.683  1.00 0.00 ? 3  MET B CA   1 
ATOM   767 C C    . MET B 2 3  ? -6.767  12.820  -0.910  1.00 0.00 ? 3  MET B C    1 
ATOM   768 O O    . MET B 2 3  ? -7.999  12.918  -0.911  1.00 0.00 ? 3  MET B O    1 
ATOM   769 C CB   . MET B 2 3  ? -6.617  11.444  -3.101  1.00 0.00 ? 3  MET B CB   1 
ATOM   770 C CG   . MET B 2 3  ? -5.738  10.575  -4.020  1.00 0.00 ? 3  MET B CG   1 
ATOM   771 S SD   . MET B 2 3  ? -4.149  11.397  -4.277  1.00 0.00 ? 3  MET B SD   1 
ATOM   772 C CE   . MET B 2 3  ? -3.177  10.070  -5.011  1.00 0.00 ? 3  MET B CE   1 
ATOM   773 H H    . MET B 2 3  ? -6.857  9.759   -0.973  1.00 0.00 ? 3  MET B H    1 
ATOM   774 H HA   . MET B 2 3  ? -4.969  11.972  -1.827  1.00 0.00 ? 3  MET B HA   1 
ATOM   775 H HB2  . MET B 2 3  ? -7.631  11.005  -3.033  1.00 0.00 ? 3  MET B HB2  1 
ATOM   776 H HB3  . MET B 2 3  ? -6.762  12.419  -3.608  1.00 0.00 ? 3  MET B HB3  1 
ATOM   777 H HG2  . MET B 2 3  ? -5.583  9.571   -3.583  1.00 0.00 ? 3  MET B HG2  1 
ATOM   778 H HG3  . MET B 2 3  ? -6.232  10.423  -4.997  1.00 0.00 ? 3  MET B HG3  1 
ATOM   779 H HE1  . MET B 2 3  ? -2.149  10.417  -5.225  1.00 0.00 ? 3  MET B HE1  1 
ATOM   780 H HE2  . MET B 2 3  ? -3.109  9.202   -4.329  1.00 0.00 ? 3  MET B HE2  1 
ATOM   781 H HE3  . MET B 2 3  ? -3.632  9.736   -5.960  1.00 0.00 ? 3  MET B HE3  1 
ATOM   782 N N    . GLY B 2 4  ? -5.975  13.608  -0.170  1.00 0.00 ? 4  GLY B N    1 
ATOM   783 C CA   . GLY B 2 4  ? -6.467  14.305  1.040   1.00 0.00 ? 4  GLY B CA   1 
ATOM   784 C C    . GLY B 2 4  ? -5.325  14.925  1.872   1.00 0.00 ? 4  GLY B C    1 
ATOM   785 O O    . GLY B 2 4  ? -5.367  16.127  2.150   1.00 0.00 ? 4  GLY B O    1 
ATOM   786 H H    . GLY B 2 4  ? -4.975  13.412  -0.286  1.00 0.00 ? 4  GLY B H    1 
ATOM   787 H HA2  . GLY B 2 4  ? -7.184  15.095  0.746   1.00 0.00 ? 4  GLY B HA2  1 
ATOM   788 H HA3  . GLY B 2 4  ? -7.038  13.605  1.680   1.00 0.00 ? 4  GLY B HA3  1 
ATOM   789 N N    . TRP B 2 5  ? -4.303  14.119  2.245   1.00 0.00 ? 5  TRP B N    1 
ATOM   790 C CA   . TRP B 2 5  ? -3.031  14.609  2.866   1.00 0.00 ? 5  TRP B CA   1 
ATOM   791 C C    . TRP B 2 5  ? -2.328  15.741  2.048   1.00 0.00 ? 5  TRP B C    1 
ATOM   792 O O    . TRP B 2 5  ? -2.177  16.853  2.563   1.00 0.00 ? 5  TRP B O    1 
ATOM   793 C CB   . TRP B 2 5  ? -2.056  13.424  3.128   1.00 0.00 ? 5  TRP B CB   1 
ATOM   794 C CG   . TRP B 2 5  ? -2.519  12.371  4.145   1.00 0.00 ? 5  TRP B CG   1 
ATOM   795 C CD1  . TRP B 2 5  ? -3.149  11.146  3.839   1.00 0.00 ? 5  TRP B CD1  1 
ATOM   796 C CD2  . TRP B 2 5  ? -2.382  12.381  5.522   1.00 0.00 ? 5  TRP B CD2  1 
ATOM   797 N NE1  . TRP B 2 5  ? -3.424  10.393  4.994   1.00 0.00 ? 5  TRP B NE1  1 
ATOM   798 C CE2  . TRP B 2 5  ? -2.934  11.176  6.028   1.00 0.00 ? 5  TRP B CE2  1 
ATOM   799 C CE3  . TRP B 2 5  ? -1.796  13.328  6.402   1.00 0.00 ? 5  TRP B CE3  1 
ATOM   800 C CZ2  . TRP B 2 5  ? -2.903  10.910  7.418   1.00 0.00 ? 5  TRP B CZ2  1 
ATOM   801 C CZ3  . TRP B 2 5  ? -1.779  13.043  7.768   1.00 0.00 ? 5  TRP B CZ3  1 
ATOM   802 C CH2  . TRP B 2 5  ? -2.325  11.854  8.268   1.00 0.00 ? 5  TRP B CH2  1 
ATOM   803 H H    . TRP B 2 5  ? -4.404  13.143  1.946   1.00 0.00 ? 5  TRP B H    1 
ATOM   804 H HA   . TRP B 2 5  ? -3.295  15.039  3.853   1.00 0.00 ? 5  TRP B HA   1 
ATOM   805 H HB2  . TRP B 2 5  ? -1.811  12.920  2.174   1.00 0.00 ? 5  TRP B HB2  1 
ATOM   806 H HB3  . TRP B 2 5  ? -1.085  13.823  3.479   1.00 0.00 ? 5  TRP B HB3  1 
ATOM   807 H HD1  . TRP B 2 5  ? -3.376  10.813  2.839   1.00 0.00 ? 5  TRP B HD1  1 
ATOM   808 H HE1  . TRP B 2 5  ? -3.857  9.465   5.056   1.00 0.00 ? 5  TRP B HE1  1 
ATOM   809 H HE3  . TRP B 2 5  ? -1.366  14.247  6.028   1.00 0.00 ? 5  TRP B HE3  1 
ATOM   810 H HZ2  . TRP B 2 5  ? -3.315  9.994   7.816   1.00 0.00 ? 5  TRP B HZ2  1 
ATOM   811 H HZ3  . TRP B 2 5  ? -1.333  13.751  8.451   1.00 0.00 ? 5  TRP B HZ3  1 
ATOM   812 H HH2  . TRP B 2 5  ? -2.292  11.661  9.331   1.00 0.00 ? 5  TRP B HH2  1 
ATOM   813 N N    . MET B 2 6  ? -1.987  15.479  0.772   1.00 0.00 ? 6  MET B N    1 
ATOM   814 C CA   . MET B 2 6  ? -1.801  16.541  -0.248  1.00 0.00 ? 6  MET B CA   1 
ATOM   815 C C    . MET B 2 6  ? -2.706  16.208  -1.471  1.00 0.00 ? 6  MET B C    1 
ATOM   816 O O    . MET B 2 6  ? -2.267  15.597  -2.449  1.00 0.00 ? 6  MET B O    1 
ATOM   817 C CB   . MET B 2 6  ? -0.305  16.810  -0.570  1.00 0.00 ? 6  MET B CB   1 
ATOM   818 C CG   . MET B 2 6  ? 0.565   15.654  -1.105  1.00 0.00 ? 6  MET B CG   1 
ATOM   819 S SD   . MET B 2 6  ? 2.238   16.263  -1.416  1.00 0.00 ? 6  MET B SD   1 
ATOM   820 C CE   . MET B 2 6  ? 2.068   17.010  -3.054  1.00 0.00 ? 6  MET B CE   1 
ATOM   821 H H    . MET B 2 6  ? -2.147  14.505  0.490   1.00 0.00 ? 6  MET B H    1 
ATOM   822 H HA   . MET B 2 6  ? -2.165  17.509  0.156   1.00 0.00 ? 6  MET B HA   1 
ATOM   823 H HB2  . MET B 2 6  ? -0.256  17.645  -1.294  1.00 0.00 ? 6  MET B HB2  1 
ATOM   824 H HB3  . MET B 2 6  ? 0.182   17.207  0.340   1.00 0.00 ? 6  MET B HB3  1 
ATOM   825 H HG2  . MET B 2 6  ? 0.618   14.831  -0.369  1.00 0.00 ? 6  MET B HG2  1 
ATOM   826 H HG3  . MET B 2 6  ? 0.158   15.218  -2.034  1.00 0.00 ? 6  MET B HG3  1 
ATOM   827 H HE1  . MET B 2 6  ? 3.035   17.421  -3.392  1.00 0.00 ? 6  MET B HE1  1 
ATOM   828 H HE2  . MET B 2 6  ? 1.736   16.261  -3.797  1.00 0.00 ? 6  MET B HE2  1 
ATOM   829 H HE3  . MET B 2 6  ? 1.333   17.835  -3.041  1.00 0.00 ? 6  MET B HE3  1 
ATOM   830 N N    . ASP B 2 7  ? -3.980  16.648  -1.417  1.00 0.00 ? 7  ASP B N    1 
ATOM   831 C CA   . ASP B 2 7  ? -4.914  16.595  -2.585  1.00 0.00 ? 7  ASP B CA   1 
ATOM   832 C C    . ASP B 2 7  ? -4.490  17.432  -3.840  1.00 0.00 ? 7  ASP B C    1 
ATOM   833 O O    . ASP B 2 7  ? -4.690  16.978  -4.970  1.00 0.00 ? 7  ASP B O    1 
ATOM   834 C CB   . ASP B 2 7  ? -6.376  16.882  -2.145  1.00 0.00 ? 7  ASP B CB   1 
ATOM   835 C CG   . ASP B 2 7  ? -6.676  18.259  -1.523  1.00 0.00 ? 7  ASP B CG   1 
ATOM   836 O OD1  . ASP B 2 7  ? -6.984  19.211  -2.276  1.00 0.00 ? 7  ASP B OD1  1 
ATOM   837 O OD2  . ASP B 2 7  ? -6.600  18.390  -0.281  1.00 0.00 ? 7  ASP B OD2  1 
ATOM   838 H H    . ASP B 2 7  ? -4.225  17.146  -0.553  1.00 0.00 ? 7  ASP B H    1 
ATOM   839 H HA   . ASP B 2 7  ? -4.925  15.541  -2.922  1.00 0.00 ? 7  ASP B HA   1 
ATOM   840 H HB2  . ASP B 2 7  ? -7.054  16.735  -3.009  1.00 0.00 ? 7  ASP B HB2  1 
ATOM   841 H HB3  . ASP B 2 7  ? -6.698  16.105  -1.426  1.00 0.00 ? 7  ASP B HB3  1 
ATOM   842 N N    . PHE B 2 8  ? -3.870  18.610  -3.633  1.00 0.00 ? 8  PHE B N    1 
ATOM   843 C CA   . PHE B 2 8  ? -3.153  19.385  -4.684  1.00 0.00 ? 8  PHE B CA   1 
ATOM   844 C C    . PHE B 2 8  ? -2.012  18.636  -5.451  1.00 0.00 ? 8  PHE B C    1 
ATOM   845 O O    . PHE B 2 8  ? -1.926  18.730  -6.675  1.00 0.00 ? 8  PHE B O    1 
ATOM   846 C CB   . PHE B 2 8  ? -2.685  20.755  -4.097  1.00 0.00 ? 8  PHE B CB   1 
ATOM   847 C CG   . PHE B 2 8  ? -1.692  20.740  -2.907  1.00 0.00 ? 8  PHE B CG   1 
ATOM   848 C CD1  . PHE B 2 8  ? -2.166  20.607  -1.595  1.00 0.00 ? 8  PHE B CD1  1 
ATOM   849 C CD2  . PHE B 2 8  ? -0.314  20.839  -3.128  1.00 0.00 ? 8  PHE B CD2  1 
ATOM   850 C CE1  . PHE B 2 8  ? -1.274  20.553  -0.527  1.00 0.00 ? 8  PHE B CE1  1 
ATOM   851 C CE2  . PHE B 2 8  ? 0.577   20.786  -2.058  1.00 0.00 ? 8  PHE B CE2  1 
ATOM   852 C CZ   . PHE B 2 8  ? 0.095   20.644  -0.759  1.00 0.00 ? 8  PHE B CZ   1 
ATOM   853 H H    . PHE B 2 8  ? -3.783  18.865  -2.643  1.00 0.00 ? 8  PHE B H    1 
ATOM   854 H HA   . PHE B 2 8  ? -3.913  19.638  -5.449  1.00 0.00 ? 8  PHE B HA   1 
ATOM   855 H HB2  . PHE B 2 8  ? -2.261  21.364  -4.921  1.00 0.00 ? 8  PHE B HB2  1 
ATOM   856 H HB3  . PHE B 2 8  ? -3.581  21.335  -3.802  1.00 0.00 ? 8  PHE B HB3  1 
ATOM   857 H HD1  . PHE B 2 8  ? -3.226  20.525  -1.400  1.00 0.00 ? 8  PHE B HD1  1 
ATOM   858 H HD2  . PHE B 2 8  ? 0.075   20.938  -4.132  1.00 0.00 ? 8  PHE B HD2  1 
ATOM   859 H HE1  . PHE B 2 8  ? -1.647  20.437  0.481   1.00 0.00 ? 8  PHE B HE1  1 
ATOM   860 H HE2  . PHE B 2 8  ? 1.640   20.850  -2.235  1.00 0.00 ? 8  PHE B HE2  1 
ATOM   861 H HZ   . PHE B 2 8  ? 0.786   20.600  0.070   1.00 0.00 ? 8  PHE B HZ   1 
HETATM 862 N N    . NH2 B 2 9  ? -1.123  17.892  -4.797  1.00 0.00 ? 9  NH2 B N    1 
HETATM 863 H HN1  . NH2 B 2 9  ? -0.396  17.440  -5.363  1.00 0.00 ? 9  NH2 B HN1  1 
HETATM 864 H HN2  . NH2 B 2 9  ? -1.230  17.838  -3.777  1.00 0.00 ? 9  NH2 B HN2  1 
# 
